data_1MPY
#
_entry.id   1MPY
#
_cell.length_a   264.000
_cell.length_b   264.000
_cell.length_c   59.800
_cell.angle_alpha   90.00
_cell.angle_beta   90.00
_cell.angle_gamma   90.00
#
_symmetry.space_group_name_H-M   'P 42 21 2'
#
loop_
_entity.id
_entity.type
_entity.pdbx_description
1 polymer 'CATECHOL 2,3-DIOXYGENASE'
2 non-polymer 'FE (II) ION'
3 non-polymer ACETONE
4 water water
#
_entity_poly.entity_id   1
_entity_poly.type   'polypeptide(L)'
_entity_poly.pdbx_seq_one_letter_code
;MNKGVMRPGHVQLRVLDMSKALEHYVELLGLIEMDRDDQGRVYLKAWTEVDKFSLVLREADEPGMDFMGFKVVDEDALRQ
LERDLMAYGCAVEQLPAGELNSCGRRVRFQAPSGHHFELYADKEYTGKWGLNDVNPEAWPRDLKGMAAVRFDHALMYGDE
LPATYDLFTKVLGFYLAEQVLDENGTRVAQFLSLSTKAHDVAFIHHPEKGRLHHVSFHLETWEDLLRAADLISMTDTSID
IGPTRHGLTHGKTIYFFDPSGNRNEVFCGGDYNYPDHKPVTWTTDQLGKAIFYHDRILNERFMTVLT
;
_entity_poly.pdbx_strand_id   A,B,C,D
#
loop_
_chem_comp.id
_chem_comp.type
_chem_comp.name
_chem_comp.formula
ACN non-polymer ACETONE 'C3 H6 O'
FE2 non-polymer 'FE (II) ION' 'Fe 2'
#
# COMPACT_ATOMS: atom_id res chain seq x y z
N MET A 1 -30.34 5.90 -8.46
CA MET A 1 -30.57 7.32 -8.11
C MET A 1 -31.47 7.97 -9.19
N ASN A 2 -32.03 7.05 -9.93
CA ASN A 2 -33.01 7.14 -11.05
C ASN A 2 -34.23 7.91 -10.68
N LYS A 3 -34.50 7.64 -9.45
CA LYS A 3 -35.76 8.07 -8.86
C LYS A 3 -35.58 8.70 -7.48
N GLY A 4 -34.38 9.17 -7.18
CA GLY A 4 -34.22 9.93 -5.92
C GLY A 4 -33.42 9.11 -4.90
N VAL A 5 -33.46 7.78 -4.92
CA VAL A 5 -32.74 6.98 -3.91
C VAL A 5 -31.23 7.18 -4.05
N MET A 6 -30.60 7.76 -3.00
CA MET A 6 -29.17 8.08 -3.03
C MET A 6 -28.21 7.02 -2.52
N ARG A 7 -28.46 6.47 -1.33
CA ARG A 7 -27.58 5.45 -0.78
C ARG A 7 -28.19 4.83 0.46
N PRO A 8 -27.62 3.71 0.96
CA PRO A 8 -28.15 3.06 2.16
C PRO A 8 -27.87 3.98 3.35
N GLY A 9 -28.94 4.40 4.03
CA GLY A 9 -28.79 5.31 5.16
C GLY A 9 -28.58 4.66 6.52
N HIS A 10 -29.20 3.51 6.74
CA HIS A 10 -29.04 2.83 8.01
C HIS A 10 -29.56 1.40 8.01
N VAL A 11 -29.16 0.65 9.03
CA VAL A 11 -29.60 -0.74 9.20
C VAL A 11 -29.68 -1.02 10.70
N GLN A 12 -30.79 -1.65 11.11
CA GLN A 12 -30.98 -1.99 12.52
C GLN A 12 -30.77 -3.49 12.67
N LEU A 13 -29.80 -3.86 13.51
CA LEU A 13 -29.48 -5.26 13.77
C LEU A 13 -29.87 -5.72 15.15
N ARG A 14 -30.17 -7.01 15.27
CA ARG A 14 -30.52 -7.60 16.55
C ARG A 14 -29.28 -8.23 17.15
N VAL A 15 -29.02 -7.92 18.41
CA VAL A 15 -27.87 -8.47 19.10
C VAL A 15 -28.29 -9.11 20.41
N LEU A 16 -27.69 -10.25 20.71
CA LEU A 16 -27.99 -10.99 21.92
C LEU A 16 -27.54 -10.22 23.16
N ASP A 17 -26.41 -9.53 23.04
CA ASP A 17 -25.86 -8.78 24.16
C ASP A 17 -25.38 -7.41 23.69
N MET A 18 -25.93 -6.37 24.32
CA MET A 18 -25.59 -4.99 24.00
C MET A 18 -24.19 -4.60 24.48
N SER A 19 -23.79 -5.05 25.68
CA SER A 19 -22.45 -4.70 26.19
C SER A 19 -21.37 -5.21 25.24
N LYS A 20 -21.54 -6.47 24.83
CA LYS A 20 -20.60 -7.10 23.91
C LYS A 20 -20.68 -6.48 22.53
N ALA A 21 -21.89 -6.40 21.99
CA ALA A 21 -22.11 -5.84 20.66
C ALA A 21 -21.42 -4.48 20.55
N LEU A 22 -21.58 -3.64 21.56
CA LEU A 22 -20.96 -2.31 21.57
C LEU A 22 -19.43 -2.38 21.50
N GLU A 23 -18.82 -3.37 22.12
CA GLU A 23 -17.37 -3.51 22.07
C GLU A 23 -16.87 -3.86 20.68
N HIS A 24 -17.61 -4.74 20.01
CA HIS A 24 -17.25 -5.15 18.67
C HIS A 24 -17.33 -3.96 17.72
N TYR A 25 -18.49 -3.30 17.70
CA TYR A 25 -18.73 -2.17 16.82
C TYR A 25 -18.00 -0.86 17.10
N VAL A 26 -17.77 -0.53 18.36
CA VAL A 26 -17.06 0.73 18.63
C VAL A 26 -15.55 0.51 18.80
N GLU A 27 -15.16 -0.55 19.50
CA GLU A 27 -13.74 -0.81 19.71
C GLU A 27 -13.01 -1.43 18.53
N LEU A 28 -13.56 -2.54 18.04
CA LEU A 28 -12.95 -3.25 16.92
C LEU A 28 -13.23 -2.53 15.60
N LEU A 29 -14.48 -2.13 15.39
CA LEU A 29 -14.84 -1.47 14.13
C LEU A 29 -14.56 0.02 14.02
N GLY A 30 -14.47 0.72 15.14
CA GLY A 30 -14.22 2.15 15.08
C GLY A 30 -15.45 3.02 14.88
N LEU A 31 -16.64 2.44 15.02
CA LEU A 31 -17.89 3.20 14.88
C LEU A 31 -18.08 4.10 16.09
N ILE A 32 -18.77 5.22 15.88
CA ILE A 32 -19.00 6.18 16.94
C ILE A 32 -20.43 6.10 17.48
N GLU A 33 -20.56 5.76 18.76
CA GLU A 33 -21.86 5.69 19.40
C GLU A 33 -22.36 7.11 19.47
N MET A 34 -23.52 7.36 18.90
CA MET A 34 -24.06 8.70 18.86
C MET A 34 -25.28 8.94 19.73
N ASP A 35 -26.01 7.89 20.07
CA ASP A 35 -27.23 8.04 20.84
C ASP A 35 -27.67 6.71 21.45
N ARG A 36 -28.73 6.77 22.26
CA ARG A 36 -29.32 5.61 22.92
C ARG A 36 -30.75 6.06 23.26
N ASP A 37 -31.78 5.32 22.85
CA ASP A 37 -33.13 5.75 23.15
C ASP A 37 -33.80 5.00 24.30
N ASP A 38 -35.10 5.23 24.48
CA ASP A 38 -35.87 4.59 25.54
C ASP A 38 -35.79 3.06 25.52
N GLN A 39 -36.16 2.45 24.39
CA GLN A 39 -36.14 1.00 24.29
C GLN A 39 -34.75 0.37 24.30
N GLY A 40 -33.74 1.13 24.72
CA GLY A 40 -32.40 0.58 24.77
C GLY A 40 -31.76 0.33 23.41
N ARG A 41 -32.20 1.08 22.40
CA ARG A 41 -31.60 0.97 21.09
C ARG A 41 -30.41 1.90 21.22
N VAL A 42 -29.30 1.56 20.56
CA VAL A 42 -28.13 2.42 20.60
C VAL A 42 -27.78 2.74 19.14
N TYR A 43 -27.59 4.02 18.86
CA TYR A 43 -27.28 4.49 17.51
C TYR A 43 -25.77 4.75 17.34
N LEU A 44 -25.23 4.39 16.19
CA LEU A 44 -23.81 4.58 15.93
C LEU A 44 -23.61 5.05 14.51
N LYS A 45 -22.40 5.52 14.21
CA LYS A 45 -22.07 6.02 12.87
C LYS A 45 -20.59 5.85 12.51
N ALA A 46 -20.30 5.94 11.21
CA ALA A 46 -18.93 5.85 10.72
C ALA A 46 -18.54 7.32 10.55
N TRP A 47 -17.27 7.63 10.73
CA TRP A 47 -16.83 9.02 10.67
C TRP A 47 -16.98 9.87 9.39
N THR A 48 -16.85 9.28 8.20
CA THR A 48 -16.96 10.08 6.97
C THR A 48 -18.42 10.40 6.65
N GLU A 49 -19.33 9.71 7.33
CA GLU A 49 -20.76 9.91 7.13
C GLU A 49 -21.17 11.26 7.70
N VAL A 50 -22.07 11.91 6.99
CA VAL A 50 -22.54 13.24 7.34
C VAL A 50 -23.76 13.30 8.26
N ASP A 51 -24.51 12.21 8.34
CA ASP A 51 -25.70 12.19 9.19
C ASP A 51 -25.50 11.52 10.55
N LYS A 52 -26.37 11.86 11.48
CA LYS A 52 -26.36 11.36 12.86
C LYS A 52 -25.99 9.90 13.07
N PHE A 53 -26.65 8.99 12.36
CA PHE A 53 -26.40 7.56 12.54
C PHE A 53 -26.59 6.73 11.28
N SER A 54 -26.10 5.50 11.32
CA SER A 54 -26.21 4.54 10.21
C SER A 54 -26.41 3.12 10.73
N LEU A 55 -25.90 2.85 11.94
CA LEU A 55 -26.05 1.53 12.53
C LEU A 55 -26.77 1.71 13.84
N VAL A 56 -27.79 0.89 14.04
CA VAL A 56 -28.55 0.95 15.27
C VAL A 56 -28.77 -0.47 15.77
N LEU A 57 -28.15 -0.76 16.92
CA LEU A 57 -28.26 -2.05 17.54
C LEU A 57 -29.46 -2.10 18.47
N ARG A 58 -30.06 -3.27 18.55
CA ARG A 58 -31.23 -3.48 19.38
C ARG A 58 -31.02 -4.82 20.08
N GLU A 59 -31.21 -4.86 21.40
CA GLU A 59 -31.03 -6.11 22.09
C GLU A 59 -32.29 -6.98 21.93
N ALA A 60 -32.11 -8.14 21.31
CA ALA A 60 -33.19 -9.09 21.07
C ALA A 60 -32.56 -10.45 21.19
N ASP A 61 -33.34 -11.44 21.61
CA ASP A 61 -32.79 -12.77 21.78
C ASP A 61 -32.58 -13.60 20.52
N GLU A 62 -32.45 -12.94 19.39
CA GLU A 62 -32.25 -13.62 18.12
C GLU A 62 -31.49 -12.65 17.23
N PRO A 63 -30.31 -13.05 16.73
CA PRO A 63 -29.55 -12.15 15.88
C PRO A 63 -30.21 -12.00 14.51
N GLY A 64 -29.89 -10.93 13.81
CA GLY A 64 -30.47 -10.71 12.50
C GLY A 64 -30.72 -9.25 12.20
N MET A 65 -31.29 -9.02 11.02
CA MET A 65 -31.60 -7.67 10.57
C MET A 65 -33.10 -7.40 10.72
N ASP A 66 -33.45 -6.21 11.22
CA ASP A 66 -34.85 -5.83 11.36
C ASP A 66 -35.33 -5.10 10.10
N PHE A 67 -34.50 -4.18 9.61
CA PHE A 67 -34.79 -3.39 8.42
C PHE A 67 -33.55 -2.60 7.97
N MET A 68 -33.49 -2.32 6.67
CA MET A 68 -32.41 -1.55 6.05
C MET A 68 -33.07 -0.42 5.29
N GLY A 69 -32.74 0.81 5.66
CA GLY A 69 -33.30 1.98 5.02
C GLY A 69 -32.34 2.71 4.11
N PHE A 70 -32.90 3.42 3.14
CA PHE A 70 -32.16 4.21 2.16
C PHE A 70 -32.61 5.65 2.28
N LYS A 71 -31.69 6.60 2.18
CA LYS A 71 -32.05 8.00 2.24
C LYS A 71 -32.30 8.47 0.82
N VAL A 72 -33.37 9.22 0.61
CA VAL A 72 -33.69 9.74 -0.71
C VAL A 72 -33.43 11.24 -0.66
N VAL A 73 -33.21 11.84 -1.83
CA VAL A 73 -32.92 13.28 -1.96
C VAL A 73 -33.76 14.22 -1.11
N ASP A 74 -35.03 14.39 -1.49
CA ASP A 74 -35.93 15.27 -0.77
C ASP A 74 -37.26 14.65 -0.37
N GLU A 75 -38.06 15.43 0.34
CA GLU A 75 -39.37 15.00 0.80
C GLU A 75 -40.26 14.71 -0.41
N ASP A 76 -40.03 15.45 -1.49
CA ASP A 76 -40.80 15.26 -2.72
C ASP A 76 -40.63 13.85 -3.27
N ALA A 77 -39.39 13.43 -3.47
CA ALA A 77 -39.08 12.10 -3.98
C ALA A 77 -39.63 11.02 -3.06
N LEU A 78 -39.73 11.32 -1.76
CA LEU A 78 -40.26 10.36 -0.78
C LEU A 78 -41.77 10.17 -0.98
N ARG A 79 -42.51 11.27 -1.10
CA ARG A 79 -43.95 11.17 -1.31
C ARG A 79 -44.20 10.46 -2.63
N GLN A 80 -43.30 10.69 -3.54
CA GLN A 80 -43.40 10.13 -4.89
C GLN A 80 -43.18 8.61 -4.85
N LEU A 81 -42.11 8.13 -4.23
CA LEU A 81 -41.86 6.69 -4.15
C LEU A 81 -42.97 6.02 -3.33
N GLU A 82 -43.39 6.68 -2.26
CA GLU A 82 -44.47 6.20 -1.40
C GLU A 82 -45.74 6.00 -2.21
N ARG A 83 -46.02 6.94 -3.13
CA ARG A 83 -47.19 6.87 -4.00
C ARG A 83 -47.04 5.69 -4.94
N ASP A 84 -45.88 5.61 -5.60
CA ASP A 84 -45.55 4.55 -6.55
C ASP A 84 -45.61 3.15 -5.92
N LEU A 85 -45.26 3.08 -4.64
CA LEU A 85 -45.28 1.82 -3.89
C LEU A 85 -46.72 1.37 -3.67
N MET A 86 -47.58 2.31 -3.26
CA MET A 86 -48.98 1.98 -3.05
C MET A 86 -49.61 1.64 -4.40
N ALA A 87 -49.24 2.38 -5.43
CA ALA A 87 -49.76 2.13 -6.77
C ALA A 87 -49.32 0.75 -7.26
N TYR A 88 -48.09 0.37 -6.93
CA TYR A 88 -47.54 -0.94 -7.33
C TYR A 88 -48.33 -2.10 -6.71
N GLY A 89 -49.06 -1.80 -5.64
CA GLY A 89 -49.85 -2.82 -4.96
C GLY A 89 -49.26 -3.24 -3.63
N CYS A 90 -48.25 -2.52 -3.19
CA CYS A 90 -47.60 -2.82 -1.92
C CYS A 90 -48.30 -2.29 -0.65
N ALA A 91 -48.10 -3.02 0.43
CA ALA A 91 -48.62 -2.66 1.74
C ALA A 91 -47.48 -1.90 2.42
N VAL A 92 -47.71 -0.61 2.55
CA VAL A 92 -46.75 0.32 3.14
C VAL A 92 -47.00 0.53 4.64
N GLU A 93 -45.94 0.86 5.36
CA GLU A 93 -46.05 1.16 6.78
C GLU A 93 -45.45 2.55 6.93
N GLN A 94 -46.16 3.44 7.62
CA GLN A 94 -45.73 4.83 7.81
C GLN A 94 -45.15 5.01 9.21
N LEU A 95 -43.84 5.14 9.30
CA LEU A 95 -43.20 5.38 10.57
C LEU A 95 -43.19 6.89 10.77
N PRO A 96 -43.74 7.35 11.91
CA PRO A 96 -43.78 8.78 12.20
C PRO A 96 -42.38 9.30 12.51
N ALA A 97 -42.20 10.60 12.35
CA ALA A 97 -40.90 11.23 12.64
C ALA A 97 -40.65 11.07 14.12
N GLY A 98 -39.43 10.68 14.46
CA GLY A 98 -39.09 10.50 15.86
C GLY A 98 -39.11 9.06 16.33
N GLU A 99 -39.73 8.17 15.53
CA GLU A 99 -39.80 6.74 15.88
C GLU A 99 -38.33 6.36 16.13
N LEU A 100 -37.45 6.78 15.24
CA LEU A 100 -36.02 6.61 15.36
C LEU A 100 -35.50 8.00 15.70
N ASN A 101 -34.89 8.14 16.83
CA ASN A 101 -34.40 9.45 17.33
C ASN A 101 -33.56 10.14 16.26
N SER A 102 -33.85 11.43 16.10
CA SER A 102 -33.17 12.30 15.15
C SER A 102 -33.33 11.90 13.69
N CYS A 103 -34.45 11.24 13.39
CA CYS A 103 -34.73 10.78 12.04
C CYS A 103 -36.15 11.17 11.70
N GLY A 104 -36.38 11.53 10.44
CA GLY A 104 -37.71 11.92 9.99
C GLY A 104 -38.65 10.75 9.81
N ARG A 105 -39.75 10.97 9.10
CA ARG A 105 -40.71 9.89 8.87
C ARG A 105 -40.04 8.90 7.93
N ARG A 106 -40.61 7.71 7.86
CA ARG A 106 -40.07 6.66 7.01
C ARG A 106 -41.19 5.85 6.38
N VAL A 107 -40.92 5.29 5.21
CA VAL A 107 -41.89 4.45 4.54
C VAL A 107 -41.22 3.09 4.56
N ARG A 108 -41.88 2.10 5.14
CA ARG A 108 -41.28 0.77 5.21
C ARG A 108 -42.09 -0.26 4.45
N PHE A 109 -41.42 -1.19 3.80
CA PHE A 109 -42.10 -2.24 3.05
C PHE A 109 -41.32 -3.55 3.12
N GLN A 110 -42.02 -4.66 2.89
CA GLN A 110 -41.37 -5.96 2.89
C GLN A 110 -41.22 -6.34 1.43
N ALA A 111 -39.98 -6.60 1.03
CA ALA A 111 -39.70 -7.01 -0.34
C ALA A 111 -40.09 -8.50 -0.44
N PRO A 112 -40.47 -8.97 -1.64
CA PRO A 112 -40.87 -10.37 -1.85
C PRO A 112 -39.90 -11.37 -1.19
N SER A 113 -38.65 -10.97 -1.07
CA SER A 113 -37.59 -11.79 -0.46
C SER A 113 -37.76 -11.93 1.06
N GLY A 114 -38.73 -11.22 1.61
CA GLY A 114 -38.99 -11.26 3.04
C GLY A 114 -38.20 -10.25 3.86
N HIS A 115 -37.41 -9.42 3.19
CA HIS A 115 -36.60 -8.43 3.89
C HIS A 115 -37.35 -7.13 3.97
N HIS A 116 -37.21 -6.42 5.08
CA HIS A 116 -37.89 -5.14 5.23
C HIS A 116 -36.98 -4.02 4.83
N PHE A 117 -37.50 -3.07 4.07
CA PHE A 117 -36.73 -1.94 3.63
C PHE A 117 -37.42 -0.63 3.98
N GLU A 118 -36.63 0.45 3.99
CA GLU A 118 -37.15 1.77 4.31
C GLU A 118 -36.64 2.84 3.38
N LEU A 119 -37.37 3.95 3.37
CA LEU A 119 -37.06 5.14 2.59
C LEU A 119 -37.24 6.29 3.57
N TYR A 120 -36.39 7.29 3.49
CA TYR A 120 -36.53 8.45 4.37
C TYR A 120 -35.80 9.63 3.78
N ALA A 121 -36.29 10.83 4.05
CA ALA A 121 -35.68 12.04 3.51
C ALA A 121 -34.89 12.83 4.53
N ASP A 122 -35.31 12.79 5.80
CA ASP A 122 -34.63 13.59 6.83
C ASP A 122 -34.01 12.85 7.97
N LYS A 123 -32.85 13.34 8.39
CA LYS A 123 -32.09 12.81 9.50
C LYS A 123 -31.18 13.95 9.91
N GLU A 124 -31.08 14.18 11.21
CA GLU A 124 -30.26 15.25 11.73
C GLU A 124 -28.87 15.26 11.10
N TYR A 125 -28.58 16.32 10.34
CA TYR A 125 -27.28 16.47 9.67
C TYR A 125 -26.29 16.79 10.77
N THR A 126 -25.19 16.07 10.81
CA THR A 126 -24.21 16.29 11.87
C THR A 126 -22.81 16.57 11.31
N GLY A 127 -22.59 16.24 10.03
CA GLY A 127 -21.29 16.48 9.42
C GLY A 127 -20.30 15.38 9.79
N LYS A 128 -19.18 15.31 9.07
CA LYS A 128 -18.17 14.30 9.34
C LYS A 128 -17.75 14.38 10.78
N TRP A 129 -17.48 13.22 11.38
CA TRP A 129 -17.11 13.17 12.79
C TRP A 129 -15.73 13.67 13.10
N GLY A 130 -15.67 14.62 14.01
CA GLY A 130 -14.41 15.20 14.46
C GLY A 130 -13.57 15.86 13.39
N LEU A 131 -14.14 16.83 12.69
CA LEU A 131 -13.48 17.57 11.61
C LEU A 131 -14.25 18.89 11.39
N ASN A 132 -13.57 20.03 11.51
CA ASN A 132 -14.24 21.32 11.32
C ASN A 132 -14.80 21.37 9.89
N ASP A 133 -15.90 22.09 9.72
CA ASP A 133 -16.53 22.22 8.40
C ASP A 133 -15.75 23.08 7.42
N VAL A 134 -14.91 23.98 7.95
CA VAL A 134 -14.09 24.83 7.10
C VAL A 134 -12.65 24.40 7.26
N ASN A 135 -11.99 24.14 6.14
CA ASN A 135 -10.58 23.71 6.06
C ASN A 135 -10.39 22.43 6.86
N PRO A 136 -11.14 21.37 6.49
CA PRO A 136 -11.04 20.07 7.16
C PRO A 136 -9.71 19.35 6.95
N GLU A 137 -9.29 18.61 7.97
CA GLU A 137 -8.04 17.84 7.88
C GLU A 137 -8.38 16.57 7.12
N ALA A 138 -7.38 15.75 6.83
CA ALA A 138 -7.61 14.54 6.07
C ALA A 138 -8.33 13.46 6.86
N TRP A 139 -8.19 13.50 8.18
CA TRP A 139 -8.82 12.50 9.04
C TRP A 139 -8.78 12.90 10.50
N PRO A 140 -9.78 12.45 11.29
CA PRO A 140 -9.90 12.74 12.71
C PRO A 140 -8.74 12.09 13.41
N ARG A 141 -8.44 12.53 14.62
CA ARG A 141 -7.31 11.96 15.30
C ARG A 141 -7.55 10.71 16.13
N ASP A 142 -8.73 10.59 16.74
CA ASP A 142 -8.99 9.47 17.63
C ASP A 142 -9.86 8.29 17.16
N LEU A 143 -9.64 7.84 15.94
CA LEU A 143 -10.42 6.73 15.40
C LEU A 143 -9.89 5.37 15.88
N LYS A 144 -10.71 4.66 16.63
CA LYS A 144 -10.36 3.36 17.21
C LYS A 144 -10.39 2.19 16.23
N GLY A 145 -9.70 1.11 16.65
CA GLY A 145 -9.62 -0.11 15.88
C GLY A 145 -9.49 0.03 14.39
N MET A 146 -10.41 -0.60 13.67
CA MET A 146 -10.45 -0.58 12.21
C MET A 146 -10.74 0.79 11.60
N ALA A 147 -11.30 1.70 12.39
CA ALA A 147 -11.64 3.05 11.94
C ALA A 147 -12.48 3.02 10.65
N ALA A 148 -13.56 2.25 10.67
CA ALA A 148 -14.46 2.09 9.51
C ALA A 148 -14.79 3.42 8.88
N VAL A 149 -14.76 3.46 7.55
CA VAL A 149 -15.06 4.68 6.81
C VAL A 149 -16.55 5.01 6.72
N ARG A 150 -17.35 4.07 6.20
CA ARG A 150 -18.78 4.29 6.05
C ARG A 150 -19.54 2.98 5.91
N PHE A 151 -20.81 2.98 6.32
CA PHE A 151 -21.65 1.80 6.21
C PHE A 151 -21.88 1.69 4.72
N ASP A 152 -21.31 0.65 4.10
CA ASP A 152 -21.40 0.51 2.66
C ASP A 152 -22.62 -0.15 2.05
N HIS A 153 -22.82 -1.44 2.31
CA HIS A 153 -23.95 -2.16 1.75
C HIS A 153 -24.27 -3.35 2.62
N ALA A 154 -25.11 -4.25 2.10
CA ALA A 154 -25.50 -5.44 2.81
C ALA A 154 -25.97 -6.48 1.81
N LEU A 155 -25.63 -7.73 2.05
CA LEU A 155 -26.03 -8.81 1.16
C LEU A 155 -27.17 -9.60 1.83
N MET A 156 -28.16 -9.86 0.97
CA MET A 156 -29.28 -10.58 1.58
C MET A 156 -29.55 -11.89 0.86
N TYR A 157 -29.84 -12.88 1.67
CA TYR A 157 -30.19 -14.21 1.18
C TYR A 157 -31.71 -14.31 1.23
N GLY A 158 -32.32 -14.26 0.06
CA GLY A 158 -33.78 -14.28 -0.06
C GLY A 158 -34.26 -15.36 -1.04
N ASP A 159 -35.58 -15.42 -1.11
CA ASP A 159 -36.31 -16.36 -1.96
C ASP A 159 -36.75 -15.67 -3.26
N GLU A 160 -37.53 -14.57 -3.37
CA GLU A 160 -38.23 -14.11 -4.59
C GLU A 160 -37.36 -13.14 -5.39
N LEU A 161 -36.24 -13.59 -5.90
CA LEU A 161 -35.29 -12.73 -6.61
C LEU A 161 -35.95 -11.95 -7.80
N PRO A 162 -36.69 -12.61 -8.74
CA PRO A 162 -37.30 -11.91 -9.90
C PRO A 162 -38.27 -10.84 -9.50
N ALA A 163 -39.04 -11.11 -8.49
CA ALA A 163 -40.07 -10.17 -8.02
C ALA A 163 -39.42 -8.96 -7.33
N THR A 164 -38.41 -9.25 -6.54
CA THR A 164 -37.66 -8.20 -5.84
C THR A 164 -36.93 -7.35 -6.88
N TYR A 165 -36.33 -8.03 -7.86
CA TYR A 165 -35.60 -7.35 -8.92
C TYR A 165 -36.49 -6.29 -9.57
N ASP A 166 -37.69 -6.68 -9.98
CA ASP A 166 -38.60 -5.73 -10.58
C ASP A 166 -38.97 -4.60 -9.64
N LEU A 167 -39.20 -4.94 -8.38
CA LEU A 167 -39.56 -3.96 -7.36
C LEU A 167 -38.47 -2.88 -7.19
N PHE A 168 -37.22 -3.31 -7.08
CA PHE A 168 -36.11 -2.38 -6.92
C PHE A 168 -35.81 -1.58 -8.20
N THR A 169 -35.70 -2.26 -9.33
CA THR A 169 -35.43 -1.54 -10.57
C THR A 169 -36.60 -0.66 -10.95
N LYS A 170 -37.80 -1.24 -11.08
CA LYS A 170 -38.97 -0.46 -11.48
C LYS A 170 -39.46 0.66 -10.56
N VAL A 171 -39.74 0.33 -9.30
CA VAL A 171 -40.24 1.34 -8.38
C VAL A 171 -39.14 2.14 -7.67
N LEU A 172 -38.05 1.49 -7.27
CA LEU A 172 -36.99 2.19 -6.56
C LEU A 172 -35.87 2.83 -7.39
N GLY A 173 -35.87 2.57 -8.69
CA GLY A 173 -34.86 3.17 -9.55
C GLY A 173 -33.43 2.80 -9.23
N PHE A 174 -33.19 1.49 -9.15
CA PHE A 174 -31.87 0.87 -8.91
C PHE A 174 -31.51 0.28 -10.27
N TYR A 175 -30.26 -0.12 -10.45
CA TYR A 175 -29.86 -0.75 -11.70
C TYR A 175 -28.96 -1.96 -11.44
N LEU A 176 -29.15 -3.00 -12.24
CA LEU A 176 -28.37 -4.23 -12.12
C LEU A 176 -26.92 -3.99 -12.54
N ALA A 177 -26.02 -3.93 -11.56
CA ALA A 177 -24.61 -3.72 -11.82
C ALA A 177 -23.99 -5.06 -12.25
N GLU A 178 -24.07 -6.05 -11.37
CA GLU A 178 -23.52 -7.37 -11.66
C GLU A 178 -24.57 -8.43 -11.41
N GLN A 179 -24.34 -9.64 -11.92
CA GLN A 179 -25.28 -10.74 -11.75
C GLN A 179 -24.56 -12.06 -11.96
N VAL A 180 -25.21 -13.14 -11.58
CA VAL A 180 -24.69 -14.48 -11.76
C VAL A 180 -25.88 -15.36 -12.13
N LEU A 181 -25.76 -16.08 -13.23
CA LEU A 181 -26.84 -16.96 -13.65
C LEU A 181 -26.42 -18.39 -13.96
N ASP A 182 -27.35 -19.33 -13.72
CA ASP A 182 -27.06 -20.75 -13.96
C ASP A 182 -27.16 -21.14 -15.43
N GLU A 183 -26.97 -22.44 -15.68
CA GLU A 183 -27.00 -23.02 -17.03
C GLU A 183 -28.26 -22.65 -17.80
N ASN A 184 -29.38 -22.56 -17.09
CA ASN A 184 -30.67 -22.21 -17.70
C ASN A 184 -30.84 -20.70 -17.81
N GLY A 185 -29.73 -19.98 -17.65
CA GLY A 185 -29.75 -18.54 -17.74
C GLY A 185 -30.61 -17.91 -16.67
N THR A 186 -30.87 -18.66 -15.60
CA THR A 186 -31.67 -18.18 -14.47
C THR A 186 -30.77 -17.36 -13.55
N ARG A 187 -31.14 -16.10 -13.36
CA ARG A 187 -30.38 -15.19 -12.51
C ARG A 187 -30.45 -15.64 -11.05
N VAL A 188 -29.33 -16.19 -10.58
CA VAL A 188 -29.22 -16.71 -9.23
C VAL A 188 -28.85 -15.68 -8.15
N ALA A 189 -28.33 -14.53 -8.59
CA ALA A 189 -27.97 -13.45 -7.68
C ALA A 189 -27.88 -12.15 -8.46
N GLN A 190 -28.33 -11.07 -7.83
CA GLN A 190 -28.33 -9.76 -8.44
C GLN A 190 -27.65 -8.72 -7.55
N PHE A 191 -26.77 -7.94 -8.15
CA PHE A 191 -26.05 -6.89 -7.45
C PHE A 191 -26.54 -5.57 -8.02
N LEU A 192 -27.32 -4.85 -7.23
CA LEU A 192 -27.93 -3.59 -7.66
C LEU A 192 -27.31 -2.37 -7.05
N SER A 193 -27.16 -1.32 -7.85
CA SER A 193 -26.57 -0.07 -7.40
C SER A 193 -27.48 1.12 -7.64
N LEU A 194 -27.20 2.22 -6.94
CA LEU A 194 -27.98 3.42 -7.09
C LEU A 194 -27.26 4.38 -8.03
N SER A 195 -25.95 4.53 -7.85
CA SER A 195 -25.18 5.46 -8.67
C SER A 195 -23.93 4.90 -9.35
N THR A 196 -22.85 4.75 -8.59
CA THR A 196 -21.60 4.26 -9.15
C THR A 196 -20.99 3.06 -8.45
N LYS A 197 -21.45 2.81 -7.22
CA LYS A 197 -20.97 1.69 -6.40
C LYS A 197 -21.33 0.38 -7.06
N ALA A 198 -20.44 -0.60 -7.01
CA ALA A 198 -20.68 -1.93 -7.61
C ALA A 198 -22.02 -2.47 -7.14
N HIS A 199 -22.37 -2.10 -5.92
CA HIS A 199 -23.63 -2.52 -5.35
C HIS A 199 -23.94 -1.84 -4.01
N ASP A 200 -25.20 -1.42 -3.86
CA ASP A 200 -25.71 -0.75 -2.66
C ASP A 200 -26.55 -1.77 -1.88
N VAL A 201 -26.95 -2.82 -2.59
CA VAL A 201 -27.72 -3.94 -2.04
C VAL A 201 -27.63 -5.09 -3.05
N ALA A 202 -27.69 -6.32 -2.53
CA ALA A 202 -27.59 -7.50 -3.38
C ALA A 202 -28.40 -8.65 -2.77
N PHE A 203 -28.89 -9.53 -3.62
CA PHE A 203 -29.68 -10.67 -3.18
C PHE A 203 -29.20 -11.96 -3.80
N ILE A 204 -28.94 -12.97 -2.97
CA ILE A 204 -28.50 -14.28 -3.44
C ILE A 204 -29.65 -15.24 -3.18
N HIS A 205 -30.01 -16.04 -4.18
CA HIS A 205 -31.12 -16.98 -4.01
C HIS A 205 -30.89 -17.96 -2.88
N HIS A 206 -31.93 -18.12 -2.08
CA HIS A 206 -31.92 -18.98 -0.92
C HIS A 206 -33.38 -19.36 -0.67
N PRO A 207 -33.64 -20.61 -0.25
CA PRO A 207 -35.00 -21.07 0.00
C PRO A 207 -35.67 -20.47 1.24
N GLU A 208 -35.01 -19.51 1.88
CA GLU A 208 -35.59 -18.87 3.04
C GLU A 208 -35.71 -17.38 2.83
N LYS A 209 -36.75 -16.79 3.40
CA LYS A 209 -36.99 -15.37 3.30
C LYS A 209 -36.44 -14.62 4.52
N GLY A 210 -36.12 -13.34 4.36
CA GLY A 210 -35.62 -12.52 5.46
C GLY A 210 -34.26 -12.76 6.10
N ARG A 211 -33.43 -13.61 5.49
CA ARG A 211 -32.10 -13.95 6.03
C ARG A 211 -31.03 -12.90 5.68
N LEU A 212 -30.19 -12.58 6.65
CA LEU A 212 -29.14 -11.58 6.47
C LEU A 212 -27.82 -12.29 6.33
N HIS A 213 -27.14 -12.13 5.21
CA HIS A 213 -25.86 -12.79 5.07
C HIS A 213 -24.76 -11.98 5.73
N HIS A 214 -24.73 -10.67 5.45
CA HIS A 214 -23.72 -9.77 6.03
C HIS A 214 -24.04 -8.29 5.78
N VAL A 215 -23.47 -7.45 6.64
CA VAL A 215 -23.63 -6.01 6.54
C VAL A 215 -22.19 -5.53 6.34
N SER A 216 -21.99 -4.54 5.47
CA SER A 216 -20.63 -4.06 5.18
C SER A 216 -20.24 -2.64 5.53
N PHE A 217 -18.96 -2.50 5.82
CA PHE A 217 -18.35 -1.23 6.14
C PHE A 217 -17.14 -1.10 5.25
N HIS A 218 -16.96 0.09 4.73
CA HIS A 218 -15.88 0.38 3.81
C HIS A 218 -14.62 0.77 4.54
N LEU A 219 -13.50 0.25 4.04
CA LEU A 219 -12.16 0.55 4.54
C LEU A 219 -11.47 1.02 3.27
N GLU A 220 -10.59 2.00 3.40
CA GLU A 220 -9.93 2.57 2.24
C GLU A 220 -8.95 1.74 1.41
N THR A 221 -7.91 1.20 2.03
CA THR A 221 -6.89 0.45 1.29
C THR A 221 -6.64 -1.01 1.69
N TRP A 222 -5.86 -1.69 0.86
CA TRP A 222 -5.48 -3.09 1.03
C TRP A 222 -4.67 -3.23 2.31
N GLU A 223 -3.86 -2.23 2.62
CA GLU A 223 -3.06 -2.27 3.83
C GLU A 223 -3.95 -2.03 5.06
N ASP A 224 -5.07 -1.38 4.83
CA ASP A 224 -6.03 -1.12 5.90
C ASP A 224 -6.68 -2.46 6.22
N LEU A 225 -6.95 -3.23 5.18
CA LEU A 225 -7.55 -4.57 5.32
C LEU A 225 -6.64 -5.44 6.16
N LEU A 226 -5.33 -5.28 5.96
CA LEU A 226 -4.33 -6.04 6.68
C LEU A 226 -4.32 -5.66 8.16
N ARG A 227 -4.37 -4.36 8.45
CA ARG A 227 -4.38 -3.91 9.83
C ARG A 227 -5.63 -4.44 10.53
N ALA A 228 -6.73 -4.54 9.79
CA ALA A 228 -7.99 -5.06 10.30
C ALA A 228 -7.83 -6.51 10.67
N ALA A 229 -7.13 -7.26 9.82
CA ALA A 229 -6.90 -8.67 10.05
C ALA A 229 -6.05 -8.89 11.30
N ASP A 230 -5.12 -7.98 11.55
CA ASP A 230 -4.27 -8.08 12.74
C ASP A 230 -5.13 -7.91 13.99
N LEU A 231 -6.00 -6.89 13.96
CA LEU A 231 -6.89 -6.57 15.06
C LEU A 231 -7.84 -7.72 15.35
N ILE A 232 -8.44 -8.28 14.31
CA ILE A 232 -9.35 -9.41 14.50
C ILE A 232 -8.58 -10.48 15.28
N SER A 233 -7.37 -10.78 14.81
CA SER A 233 -6.51 -11.77 15.43
C SER A 233 -6.16 -11.43 16.88
N MET A 234 -5.86 -10.15 17.12
CA MET A 234 -5.51 -9.66 18.46
C MET A 234 -6.66 -9.65 19.46
N THR A 235 -7.85 -9.30 18.99
CA THR A 235 -9.02 -9.25 19.85
C THR A 235 -9.71 -10.59 19.93
N ASP A 236 -9.19 -11.56 19.17
CA ASP A 236 -9.75 -12.90 19.13
C ASP A 236 -11.18 -12.90 18.66
N THR A 237 -11.39 -12.30 17.50
CA THR A 237 -12.70 -12.22 16.90
C THR A 237 -12.76 -13.42 15.96
N SER A 238 -13.97 -13.91 15.69
CA SER A 238 -14.13 -15.05 14.81
C SER A 238 -14.07 -14.57 13.37
N ILE A 239 -13.05 -15.00 12.66
CA ILE A 239 -12.87 -14.61 11.27
C ILE A 239 -13.46 -15.69 10.37
N ASP A 240 -14.23 -15.28 9.38
CA ASP A 240 -14.82 -16.22 8.43
C ASP A 240 -13.88 -16.45 7.25
N ILE A 241 -13.59 -15.40 6.49
CA ILE A 241 -12.68 -15.54 5.35
C ILE A 241 -11.65 -14.41 5.31
N GLY A 242 -10.38 -14.82 5.38
CA GLY A 242 -9.24 -13.92 5.40
C GLY A 242 -9.15 -12.90 4.28
N PRO A 243 -8.18 -11.98 4.32
CA PRO A 243 -8.02 -10.95 3.29
C PRO A 243 -7.86 -11.55 1.91
N THR A 244 -8.93 -11.44 1.11
CA THR A 244 -8.92 -11.99 -0.23
C THR A 244 -9.55 -11.00 -1.19
N ARG A 245 -9.90 -11.50 -2.37
CA ARG A 245 -10.52 -10.71 -3.42
C ARG A 245 -11.72 -11.48 -3.96
N HIS A 246 -12.84 -10.78 -4.14
CA HIS A 246 -14.06 -11.38 -4.68
C HIS A 246 -13.96 -11.41 -6.21
N GLY A 247 -14.67 -12.35 -6.84
CA GLY A 247 -14.69 -12.39 -8.31
C GLY A 247 -15.66 -11.28 -8.71
N LEU A 248 -16.87 -11.35 -8.15
CA LEU A 248 -17.90 -10.34 -8.37
C LEU A 248 -17.38 -9.08 -7.68
N THR A 249 -17.52 -7.96 -8.37
CA THR A 249 -17.10 -6.65 -7.86
C THR A 249 -15.57 -6.44 -7.76
N HIS A 250 -14.81 -7.53 -7.68
CA HIS A 250 -13.35 -7.49 -7.55
C HIS A 250 -12.79 -6.76 -6.32
N GLY A 251 -13.65 -6.53 -5.33
CA GLY A 251 -13.20 -5.83 -4.14
C GLY A 251 -12.42 -6.73 -3.20
N LYS A 252 -11.49 -6.15 -2.45
CA LYS A 252 -10.67 -6.88 -1.49
C LYS A 252 -11.56 -7.04 -0.27
N THR A 253 -11.57 -8.22 0.36
CA THR A 253 -12.50 -8.44 1.45
C THR A 253 -12.09 -9.30 2.65
N ILE A 254 -12.75 -9.08 3.77
CA ILE A 254 -12.55 -9.87 4.99
C ILE A 254 -13.90 -10.06 5.64
N TYR A 255 -14.26 -11.31 5.88
CA TYR A 255 -15.52 -11.68 6.52
C TYR A 255 -15.22 -12.08 7.97
N PHE A 256 -16.03 -11.61 8.90
CA PHE A 256 -15.89 -11.96 10.33
C PHE A 256 -17.24 -11.84 11.04
N PHE A 257 -17.29 -12.16 12.33
CA PHE A 257 -18.56 -12.12 13.06
C PHE A 257 -18.59 -11.24 14.29
N ASP A 258 -19.78 -10.69 14.60
CA ASP A 258 -19.93 -9.88 15.79
C ASP A 258 -20.24 -10.84 16.94
N PRO A 259 -20.26 -10.35 18.20
CA PRO A 259 -20.54 -11.24 19.33
C PRO A 259 -21.88 -11.99 19.30
N SER A 260 -22.76 -11.62 18.37
CA SER A 260 -24.06 -12.27 18.26
C SER A 260 -24.19 -13.20 17.07
N GLY A 261 -23.13 -13.34 16.28
CA GLY A 261 -23.18 -14.23 15.13
C GLY A 261 -23.42 -13.56 13.79
N ASN A 262 -23.87 -12.30 13.81
CA ASN A 262 -24.08 -11.58 12.55
C ASN A 262 -22.74 -11.38 11.86
N ARG A 263 -22.68 -11.74 10.60
CA ARG A 263 -21.44 -11.60 9.84
C ARG A 263 -21.19 -10.14 9.45
N ASN A 264 -19.98 -9.70 9.64
CA ASN A 264 -19.59 -8.34 9.27
C ASN A 264 -18.55 -8.46 8.15
N GLU A 265 -18.50 -7.47 7.28
CA GLU A 265 -17.51 -7.46 6.22
C GLU A 265 -16.88 -6.10 6.18
N VAL A 266 -15.64 -6.09 5.74
CA VAL A 266 -14.82 -4.90 5.59
C VAL A 266 -14.16 -5.09 4.22
N PHE A 267 -14.17 -4.08 3.39
CA PHE A 267 -13.56 -4.22 2.08
C PHE A 267 -13.11 -2.90 1.50
N CYS A 268 -12.32 -2.99 0.44
CA CYS A 268 -11.84 -1.81 -0.24
C CYS A 268 -11.81 -2.06 -1.75
N GLY A 269 -11.95 -0.98 -2.50
CA GLY A 269 -11.90 -0.97 -3.96
C GLY A 269 -12.55 -1.96 -4.91
N GLY A 270 -13.86 -1.88 -5.07
CA GLY A 270 -14.51 -2.77 -6.01
C GLY A 270 -14.39 -2.16 -7.41
N ASP A 271 -15.27 -2.58 -8.30
CA ASP A 271 -15.30 -2.04 -9.65
C ASP A 271 -16.36 -0.93 -9.56
N TYR A 272 -16.30 0.04 -10.48
CA TYR A 272 -17.28 1.12 -10.48
C TYR A 272 -18.08 0.95 -11.74
N ASN A 273 -19.29 1.49 -11.74
CA ASN A 273 -20.11 1.41 -12.95
C ASN A 273 -21.11 2.56 -12.98
N TYR A 274 -21.71 2.74 -14.15
CA TYR A 274 -22.68 3.81 -14.39
C TYR A 274 -23.88 3.12 -15.05
N PRO A 275 -25.06 3.74 -15.01
CA PRO A 275 -26.29 3.23 -15.60
C PRO A 275 -26.23 2.68 -17.03
N ASP A 276 -25.22 3.08 -17.81
CA ASP A 276 -25.09 2.63 -19.19
C ASP A 276 -24.29 1.35 -19.39
N HIS A 277 -23.56 0.96 -18.35
CA HIS A 277 -22.75 -0.26 -18.38
C HIS A 277 -23.63 -1.51 -18.52
N LYS A 278 -23.11 -2.52 -19.17
CA LYS A 278 -23.83 -3.78 -19.33
C LYS A 278 -23.57 -4.49 -17.99
N PRO A 279 -24.58 -5.20 -17.44
CA PRO A 279 -24.32 -5.88 -16.16
C PRO A 279 -23.27 -6.96 -16.33
N VAL A 280 -22.27 -6.97 -15.45
CA VAL A 280 -21.22 -7.99 -15.55
C VAL A 280 -21.86 -9.34 -15.19
N THR A 281 -21.50 -10.37 -15.94
CA THR A 281 -22.06 -11.68 -15.72
C THR A 281 -21.09 -12.73 -15.22
N TRP A 282 -21.54 -13.52 -14.25
CA TRP A 282 -20.75 -14.61 -13.71
C TRP A 282 -21.66 -15.81 -13.87
N THR A 283 -21.13 -16.89 -14.43
CA THR A 283 -21.89 -18.11 -14.62
C THR A 283 -21.59 -19.06 -13.46
N THR A 284 -22.62 -19.73 -12.95
CA THR A 284 -22.47 -20.67 -11.83
C THR A 284 -21.32 -21.69 -11.93
N ASP A 285 -20.92 -22.04 -13.16
CA ASP A 285 -19.81 -23.00 -13.34
C ASP A 285 -18.50 -22.42 -12.79
N GLN A 286 -18.49 -21.10 -12.59
CA GLN A 286 -17.34 -20.39 -12.07
C GLN A 286 -17.68 -19.75 -10.72
N LEU A 287 -18.78 -20.21 -10.10
CA LEU A 287 -19.25 -19.71 -8.82
C LEU A 287 -18.13 -19.74 -7.78
N GLY A 288 -17.25 -20.74 -7.88
CA GLY A 288 -16.14 -20.84 -6.95
C GLY A 288 -15.27 -19.60 -7.04
N LYS A 289 -14.81 -19.30 -8.25
CA LYS A 289 -13.97 -18.13 -8.50
C LYS A 289 -14.75 -16.83 -8.33
N ALA A 290 -16.01 -16.85 -8.73
CA ALA A 290 -16.91 -15.70 -8.64
C ALA A 290 -16.97 -15.11 -7.23
N ILE A 291 -17.00 -15.98 -6.23
CA ILE A 291 -17.05 -15.55 -4.84
C ILE A 291 -15.63 -15.36 -4.30
N PHE A 292 -14.81 -16.38 -4.45
CA PHE A 292 -13.44 -16.33 -3.97
C PHE A 292 -12.48 -16.43 -5.15
N TYR A 293 -12.11 -15.25 -5.66
CA TYR A 293 -11.23 -15.11 -6.79
C TYR A 293 -9.88 -15.83 -6.66
N HIS A 294 -9.17 -15.65 -5.56
CA HIS A 294 -7.86 -16.29 -5.36
C HIS A 294 -7.93 -17.79 -5.12
N ASP A 295 -8.90 -18.22 -4.31
CA ASP A 295 -9.08 -19.63 -3.94
C ASP A 295 -9.85 -20.44 -4.96
N ARG A 296 -10.80 -19.77 -5.58
CA ARG A 296 -11.64 -20.36 -6.61
C ARG A 296 -12.49 -21.53 -6.10
N ILE A 297 -12.58 -21.67 -4.78
CA ILE A 297 -13.39 -22.71 -4.15
C ILE A 297 -14.39 -22.06 -3.19
N LEU A 298 -15.47 -22.76 -2.85
CA LEU A 298 -16.48 -22.21 -1.94
C LEU A 298 -16.31 -22.74 -0.51
N ASN A 299 -16.16 -21.82 0.45
CA ASN A 299 -16.01 -22.27 1.85
C ASN A 299 -17.39 -22.50 2.47
N GLU A 300 -17.54 -23.67 3.06
CA GLU A 300 -18.79 -24.14 3.66
C GLU A 300 -19.59 -23.06 4.42
N ARG A 301 -18.94 -22.40 5.37
CA ARG A 301 -19.57 -21.35 6.17
C ARG A 301 -20.23 -20.27 5.32
N PHE A 302 -19.58 -19.88 4.22
CA PHE A 302 -20.10 -18.83 3.34
C PHE A 302 -21.56 -18.99 2.91
N MET A 303 -21.93 -20.13 2.34
CA MET A 303 -23.32 -20.27 1.91
C MET A 303 -24.17 -21.06 2.88
N THR A 304 -23.71 -21.16 4.11
CA THR A 304 -24.41 -21.90 5.15
C THR A 304 -24.79 -21.01 6.35
N VAL A 305 -23.79 -20.38 6.97
CA VAL A 305 -24.02 -19.50 8.12
C VAL A 305 -24.85 -18.30 7.65
N LEU A 306 -25.99 -18.07 8.31
CA LEU A 306 -26.86 -16.99 7.91
C LEU A 306 -27.59 -16.26 9.08
N THR A 307 -28.05 -15.05 8.77
CA THR A 307 -28.75 -14.12 9.67
C THR A 307 -28.04 -13.66 10.95
N MET B 1 26.45 -14.70 9.92
CA MET B 1 27.65 -13.93 9.45
C MET B 1 28.74 -14.02 10.52
N ASN B 2 28.52 -14.90 11.49
CA ASN B 2 29.43 -15.07 12.61
C ASN B 2 30.70 -15.81 12.17
N LYS B 3 30.55 -16.74 11.23
CA LYS B 3 31.68 -17.52 10.73
C LYS B 3 32.04 -17.23 9.27
N GLY B 4 31.44 -16.19 8.69
CA GLY B 4 31.74 -15.85 7.31
C GLY B 4 30.66 -16.23 6.31
N VAL B 5 29.58 -16.84 6.78
CA VAL B 5 28.47 -17.22 5.90
C VAL B 5 27.57 -15.99 5.75
N MET B 6 27.34 -15.55 4.52
CA MET B 6 26.53 -14.37 4.26
C MET B 6 25.06 -14.58 3.95
N ARG B 7 24.75 -15.55 3.10
CA ARG B 7 23.35 -15.76 2.69
C ARG B 7 23.11 -17.02 1.88
N PRO B 8 21.85 -17.36 1.64
CA PRO B 8 21.48 -18.53 0.84
C PRO B 8 21.80 -18.11 -0.60
N GLY B 9 22.60 -18.90 -1.30
CA GLY B 9 23.10 -18.46 -2.61
C GLY B 9 22.36 -19.17 -3.76
N HIS B 10 21.98 -20.41 -3.54
CA HIS B 10 21.28 -21.17 -4.58
C HIS B 10 20.69 -22.47 -4.02
N VAL B 11 19.67 -22.92 -4.71
CA VAL B 11 18.96 -24.14 -4.38
C VAL B 11 18.66 -24.90 -5.66
N GLN B 12 18.83 -26.19 -5.64
CA GLN B 12 18.59 -26.97 -6.83
C GLN B 12 17.40 -27.86 -6.52
N LEU B 13 16.30 -27.61 -7.24
CA LEU B 13 15.07 -28.37 -7.06
C LEU B 13 14.91 -29.37 -8.18
N ARG B 14 14.14 -30.42 -7.93
CA ARG B 14 13.87 -31.44 -8.93
C ARG B 14 12.48 -31.22 -9.46
N VAL B 15 12.33 -31.27 -10.78
CA VAL B 15 11.02 -31.09 -11.38
C VAL B 15 10.74 -32.27 -12.32
N LEU B 16 9.46 -32.60 -12.48
CA LEU B 16 9.08 -33.70 -13.36
C LEU B 16 9.07 -33.25 -14.82
N ASP B 17 8.75 -31.99 -15.05
CA ASP B 17 8.73 -31.45 -16.41
C ASP B 17 9.37 -30.08 -16.46
N MET B 18 10.48 -30.00 -17.18
CA MET B 18 11.23 -28.76 -17.33
C MET B 18 10.42 -27.63 -17.95
N SER B 19 9.76 -27.90 -19.08
CA SER B 19 8.96 -26.88 -19.78
C SER B 19 7.87 -26.26 -18.94
N LYS B 20 7.24 -27.09 -18.10
CA LYS B 20 6.18 -26.65 -17.22
C LYS B 20 6.80 -25.79 -16.15
N ALA B 21 7.91 -26.29 -15.62
CA ALA B 21 8.62 -25.58 -14.57
C ALA B 21 9.05 -24.21 -15.06
N LEU B 22 9.57 -24.10 -16.28
CA LEU B 22 10.01 -22.81 -16.77
C LEU B 22 8.85 -21.82 -16.93
N GLU B 23 7.70 -22.29 -17.41
CA GLU B 23 6.53 -21.40 -17.57
C GLU B 23 6.24 -20.77 -16.20
N HIS B 24 6.20 -21.60 -15.17
CA HIS B 24 5.95 -21.19 -13.80
C HIS B 24 7.02 -20.22 -13.27
N TYR B 25 8.27 -20.65 -13.31
CA TYR B 25 9.34 -19.84 -12.79
C TYR B 25 9.73 -18.60 -13.57
N VAL B 26 9.62 -18.61 -14.91
CA VAL B 26 9.99 -17.40 -15.64
C VAL B 26 8.79 -16.51 -15.95
N GLU B 27 7.65 -17.11 -16.23
CA GLU B 27 6.46 -16.34 -16.56
C GLU B 27 5.64 -15.88 -15.36
N LEU B 28 5.57 -16.71 -14.32
CA LEU B 28 4.80 -16.35 -13.13
C LEU B 28 5.69 -15.69 -12.11
N LEU B 29 6.68 -16.43 -11.60
CA LEU B 29 7.57 -15.89 -10.60
C LEU B 29 8.36 -14.68 -11.07
N GLY B 30 8.64 -14.64 -12.37
CA GLY B 30 9.39 -13.52 -12.91
C GLY B 30 10.89 -13.74 -12.94
N LEU B 31 11.31 -14.95 -12.59
CA LEU B 31 12.73 -15.30 -12.57
C LEU B 31 13.36 -15.24 -13.95
N ILE B 32 14.57 -14.71 -14.00
CA ILE B 32 15.30 -14.59 -15.24
C ILE B 32 16.21 -15.80 -15.45
N GLU B 33 16.10 -16.41 -16.63
CA GLU B 33 16.92 -17.57 -16.98
C GLU B 33 18.33 -17.06 -17.29
N MET B 34 19.34 -17.85 -16.99
CA MET B 34 20.69 -17.39 -17.22
C MET B 34 21.65 -18.35 -17.94
N ASP B 35 21.49 -19.65 -17.72
CA ASP B 35 22.42 -20.62 -18.31
C ASP B 35 21.73 -21.96 -18.48
N ARG B 36 22.41 -22.86 -19.18
CA ARG B 36 21.92 -24.21 -19.40
C ARG B 36 23.12 -25.14 -19.32
N ASP B 37 22.86 -26.39 -18.98
CA ASP B 37 23.90 -27.39 -18.78
C ASP B 37 24.24 -28.39 -19.88
N ASP B 38 25.28 -29.14 -19.56
CA ASP B 38 25.80 -30.25 -20.34
C ASP B 38 24.81 -31.35 -19.94
N GLN B 39 24.34 -31.23 -18.69
CA GLN B 39 23.40 -32.15 -18.06
C GLN B 39 21.93 -31.72 -18.19
N GLY B 40 21.67 -30.69 -18.98
CA GLY B 40 20.30 -30.22 -19.17
C GLY B 40 19.66 -29.42 -18.05
N ARG B 41 20.46 -28.90 -17.12
CA ARG B 41 19.92 -28.11 -16.04
C ARG B 41 19.73 -26.68 -16.50
N VAL B 42 18.79 -25.98 -15.87
CA VAL B 42 18.53 -24.60 -16.23
C VAL B 42 18.79 -23.71 -15.03
N TYR B 43 19.64 -22.71 -15.24
CA TYR B 43 20.04 -21.76 -14.21
C TYR B 43 19.22 -20.47 -14.24
N LEU B 44 18.69 -20.03 -13.10
CA LEU B 44 17.89 -18.80 -13.02
C LEU B 44 18.29 -17.93 -11.83
N LYS B 45 17.95 -16.65 -11.91
CA LYS B 45 18.24 -15.68 -10.86
C LYS B 45 17.07 -14.73 -10.71
N ALA B 46 17.14 -13.89 -9.69
CA ALA B 46 16.13 -12.86 -9.43
C ALA B 46 16.85 -11.58 -9.83
N TRP B 47 16.12 -10.51 -10.08
CA TRP B 47 16.77 -9.31 -10.55
C TRP B 47 17.62 -8.46 -9.60
N THR B 48 17.32 -8.44 -8.31
CA THR B 48 18.11 -7.62 -7.40
C THR B 48 19.39 -8.33 -7.02
N GLU B 49 19.51 -9.56 -7.49
CA GLU B 49 20.67 -10.36 -7.20
C GLU B 49 21.83 -10.03 -8.11
N VAL B 50 22.99 -9.91 -7.49
CA VAL B 50 24.24 -9.57 -8.15
C VAL B 50 24.94 -10.77 -8.83
N ASP B 51 24.81 -11.97 -8.26
CA ASP B 51 25.44 -13.15 -8.84
C ASP B 51 24.65 -13.81 -9.98
N LYS B 52 25.36 -14.65 -10.73
CA LYS B 52 24.83 -15.38 -11.88
C LYS B 52 23.49 -16.08 -11.70
N PHE B 53 23.37 -16.90 -10.67
CA PHE B 53 22.13 -17.64 -10.44
C PHE B 53 21.86 -17.99 -8.98
N SER B 54 20.59 -18.23 -8.68
CA SER B 54 20.17 -18.61 -7.34
C SER B 54 19.28 -19.84 -7.39
N LEU B 55 18.65 -20.09 -8.53
CA LEU B 55 17.78 -21.25 -8.65
C LEU B 55 18.20 -22.13 -9.80
N VAL B 56 18.44 -23.41 -9.53
CA VAL B 56 18.80 -24.33 -10.61
C VAL B 56 17.78 -25.48 -10.65
N LEU B 57 17.21 -25.69 -11.83
CA LEU B 57 16.20 -26.72 -12.04
C LEU B 57 16.76 -27.97 -12.67
N ARG B 58 16.35 -29.12 -12.18
CA ARG B 58 16.82 -30.40 -12.73
C ARG B 58 15.67 -31.40 -12.93
N GLU B 59 15.48 -31.82 -14.19
CA GLU B 59 14.44 -32.79 -14.53
C GLU B 59 14.75 -34.09 -13.81
N ALA B 60 13.78 -34.63 -13.09
CA ALA B 60 13.96 -35.86 -12.35
C ALA B 60 12.63 -36.55 -12.23
N ASP B 61 12.64 -37.75 -11.68
CA ASP B 61 11.43 -38.54 -11.53
C ASP B 61 10.59 -38.14 -10.34
N GLU B 62 11.23 -37.60 -9.31
CA GLU B 62 10.50 -37.15 -8.13
C GLU B 62 10.88 -35.69 -7.84
N PRO B 63 9.91 -34.89 -7.38
CA PRO B 63 10.22 -33.49 -7.09
C PRO B 63 10.97 -33.45 -5.77
N GLY B 64 11.36 -32.25 -5.34
CA GLY B 64 12.07 -32.15 -4.08
C GLY B 64 13.29 -31.28 -4.21
N MET B 65 14.12 -31.27 -3.17
CA MET B 65 15.33 -30.47 -3.13
C MET B 65 16.57 -31.33 -3.22
N ASP B 66 17.52 -30.92 -4.04
CA ASP B 66 18.77 -31.64 -4.17
C ASP B 66 19.73 -31.10 -3.12
N PHE B 67 19.80 -29.78 -3.00
CA PHE B 67 20.68 -29.16 -2.04
C PHE B 67 20.52 -27.65 -2.00
N MET B 68 20.87 -27.05 -0.87
CA MET B 68 20.79 -25.61 -0.69
C MET B 68 22.20 -25.13 -0.37
N GLY B 69 22.64 -24.08 -1.06
CA GLY B 69 23.96 -23.56 -0.83
C GLY B 69 23.92 -22.16 -0.27
N PHE B 70 24.90 -21.86 0.59
CA PHE B 70 25.05 -20.55 1.21
C PHE B 70 26.39 -20.02 0.74
N LYS B 71 26.45 -18.72 0.47
CA LYS B 71 27.68 -18.11 -0.01
C LYS B 71 28.46 -17.52 1.16
N VAL B 72 29.78 -17.74 1.18
CA VAL B 72 30.65 -17.23 2.23
C VAL B 72 31.49 -16.07 1.73
N VAL B 73 31.95 -15.22 2.64
CA VAL B 73 32.76 -14.06 2.27
C VAL B 73 33.93 -14.35 1.31
N ASP B 74 34.83 -15.24 1.72
CA ASP B 74 35.97 -15.56 0.86
C ASP B 74 36.46 -16.99 0.99
N GLU B 75 37.54 -17.28 0.27
CA GLU B 75 38.15 -18.60 0.27
C GLU B 75 38.77 -18.95 1.62
N ASP B 76 39.29 -17.96 2.32
CA ASP B 76 39.90 -18.21 3.63
C ASP B 76 38.84 -18.76 4.56
N ALA B 77 37.66 -18.15 4.51
CA ALA B 77 36.54 -18.58 5.31
C ALA B 77 36.04 -19.93 4.78
N LEU B 78 36.12 -20.15 3.48
CA LEU B 78 35.68 -21.43 2.91
C LEU B 78 36.50 -22.59 3.48
N ARG B 79 37.83 -22.44 3.52
CA ARG B 79 38.70 -23.48 4.04
C ARG B 79 38.52 -23.68 5.53
N GLN B 80 38.23 -22.62 6.24
CA GLN B 80 38.14 -22.66 7.70
C GLN B 80 36.82 -23.33 8.11
N LEU B 81 35.69 -23.13 7.39
CA LEU B 81 34.40 -23.80 7.66
C LEU B 81 34.42 -25.22 7.11
N GLU B 82 35.29 -25.45 6.15
CA GLU B 82 35.44 -26.75 5.54
C GLU B 82 36.17 -27.66 6.53
N ARG B 83 37.25 -27.14 7.13
CA ARG B 83 38.04 -27.90 8.12
C ARG B 83 37.27 -28.12 9.43
N ASP B 84 36.49 -27.12 9.84
CA ASP B 84 35.70 -27.21 11.07
C ASP B 84 34.61 -28.28 10.96
N LEU B 85 34.06 -28.42 9.76
CA LEU B 85 33.00 -29.41 9.46
C LEU B 85 33.59 -30.79 9.57
N MET B 86 34.79 -30.95 9.02
CA MET B 86 35.46 -32.22 9.05
C MET B 86 35.94 -32.50 10.47
N ALA B 87 36.27 -31.44 11.19
CA ALA B 87 36.73 -31.55 12.58
C ALA B 87 35.54 -31.87 13.48
N TYR B 88 34.37 -31.37 13.11
CA TYR B 88 33.15 -31.61 13.87
C TYR B 88 32.72 -33.08 13.72
N GLY B 89 33.07 -33.68 12.59
CA GLY B 89 32.71 -35.06 12.35
C GLY B 89 31.83 -35.22 11.13
N CYS B 90 31.53 -34.09 10.48
CA CYS B 90 30.69 -34.12 9.29
C CYS B 90 31.50 -34.56 8.07
N ALA B 91 31.05 -35.63 7.41
CA ALA B 91 31.73 -36.14 6.22
C ALA B 91 31.39 -35.21 5.08
N VAL B 92 32.39 -34.46 4.64
CA VAL B 92 32.29 -33.46 3.58
C VAL B 92 32.55 -33.98 2.14
N GLU B 93 31.89 -33.36 1.16
CA GLU B 93 32.06 -33.67 -0.26
C GLU B 93 32.69 -32.45 -0.88
N GLN B 94 33.79 -32.62 -1.56
CA GLN B 94 34.41 -31.48 -2.26
C GLN B 94 33.91 -31.43 -3.70
N LEU B 95 33.16 -30.38 -4.03
CA LEU B 95 32.65 -30.22 -5.40
C LEU B 95 33.56 -29.23 -6.10
N PRO B 96 34.07 -29.58 -7.28
CA PRO B 96 34.96 -28.74 -8.10
C PRO B 96 34.29 -27.59 -8.82
N ALA B 97 35.04 -26.51 -9.04
CA ALA B 97 34.52 -25.33 -9.72
C ALA B 97 34.12 -25.72 -11.13
N GLY B 98 32.95 -25.27 -11.55
CA GLY B 98 32.49 -25.59 -12.90
C GLY B 98 31.44 -26.68 -12.95
N GLU B 99 31.46 -27.61 -11.99
CA GLU B 99 30.48 -28.70 -11.97
C GLU B 99 29.05 -28.12 -11.99
N LEU B 100 28.97 -26.85 -11.61
CA LEU B 100 27.75 -26.06 -11.65
C LEU B 100 28.32 -24.91 -12.48
N ASN B 101 27.78 -24.70 -13.67
CA ASN B 101 28.27 -23.63 -14.55
C ASN B 101 28.33 -22.26 -13.86
N SER B 102 29.51 -21.64 -13.91
CA SER B 102 29.76 -20.31 -13.33
C SER B 102 29.86 -20.25 -11.81
N CYS B 103 30.01 -21.41 -11.19
CA CYS B 103 30.10 -21.45 -9.75
C CYS B 103 31.47 -21.93 -9.33
N GLY B 104 31.96 -21.37 -8.23
CA GLY B 104 33.25 -21.77 -7.72
C GLY B 104 33.13 -23.17 -7.14
N ARG B 105 34.09 -23.52 -6.29
CA ARG B 105 34.06 -24.83 -5.68
C ARG B 105 33.10 -24.83 -4.52
N ARG B 106 32.52 -25.98 -4.23
CA ARG B 106 31.59 -26.07 -3.13
C ARG B 106 31.99 -27.17 -2.18
N VAL B 107 31.45 -27.07 -0.99
CA VAL B 107 31.70 -28.03 0.06
C VAL B 107 30.29 -28.48 0.32
N ARG B 108 30.00 -29.75 0.08
CA ARG B 108 28.65 -30.22 0.32
C ARG B 108 28.61 -31.24 1.44
N PHE B 109 27.85 -30.94 2.48
CA PHE B 109 27.73 -31.85 3.60
C PHE B 109 26.29 -32.22 3.77
N GLN B 110 26.06 -33.21 4.62
CA GLN B 110 24.69 -33.63 4.88
C GLN B 110 24.30 -33.39 6.31
N ALA B 111 23.26 -32.60 6.49
CA ALA B 111 22.73 -32.27 7.81
C ALA B 111 22.17 -33.53 8.45
N PRO B 112 22.19 -33.58 9.80
CA PRO B 112 21.68 -34.75 10.52
C PRO B 112 20.22 -34.98 10.16
N SER B 113 19.53 -33.91 9.78
CA SER B 113 18.13 -33.99 9.40
C SER B 113 17.93 -34.65 8.02
N GLY B 114 19.01 -34.85 7.27
CA GLY B 114 18.92 -35.49 5.98
C GLY B 114 19.03 -34.60 4.74
N HIS B 115 19.18 -33.29 4.95
CA HIS B 115 19.26 -32.35 3.86
C HIS B 115 20.70 -32.08 3.47
N HIS B 116 20.93 -31.82 2.19
CA HIS B 116 22.27 -31.55 1.73
C HIS B 116 22.46 -30.07 1.59
N PHE B 117 23.49 -29.56 2.24
CA PHE B 117 23.82 -28.15 2.21
C PHE B 117 25.20 -27.94 1.63
N GLU B 118 25.42 -26.77 1.05
CA GLU B 118 26.69 -26.42 0.42
C GLU B 118 27.16 -25.04 0.90
N LEU B 119 28.46 -24.85 0.84
CA LEU B 119 29.09 -23.59 1.20
C LEU B 119 29.92 -23.25 -0.05
N TYR B 120 30.00 -21.99 -0.42
CA TYR B 120 30.81 -21.60 -1.59
C TYR B 120 31.24 -20.14 -1.54
N ALA B 121 32.49 -19.88 -1.91
CA ALA B 121 33.02 -18.52 -1.88
C ALA B 121 32.84 -17.76 -3.20
N ASP B 122 32.93 -18.48 -4.31
CA ASP B 122 32.83 -17.90 -5.65
C ASP B 122 31.57 -18.16 -6.45
N LYS B 123 31.27 -17.21 -7.33
CA LYS B 123 30.15 -17.28 -8.25
C LYS B 123 30.27 -16.07 -9.17
N GLU B 124 30.01 -16.29 -10.45
CA GLU B 124 30.10 -15.25 -11.45
C GLU B 124 29.20 -14.05 -11.17
N TYR B 125 29.82 -12.89 -11.04
CA TYR B 125 29.12 -11.63 -10.76
C TYR B 125 28.59 -10.98 -12.03
N THR B 126 27.28 -11.05 -12.26
CA THR B 126 26.70 -10.42 -13.45
C THR B 126 26.00 -9.10 -13.11
N GLY B 127 25.82 -8.84 -11.82
CA GLY B 127 25.16 -7.62 -11.38
C GLY B 127 23.65 -7.70 -11.44
N LYS B 128 22.99 -6.69 -10.87
CA LYS B 128 21.53 -6.63 -10.86
C LYS B 128 21.01 -6.77 -12.28
N TRP B 129 19.86 -7.42 -12.47
CA TRP B 129 19.35 -7.57 -13.82
C TRP B 129 18.58 -6.36 -14.36
N GLY B 130 18.95 -5.97 -15.57
CA GLY B 130 18.30 -4.88 -16.26
C GLY B 130 18.63 -3.49 -15.77
N LEU B 131 19.70 -3.38 -15.00
CA LEU B 131 20.11 -2.10 -14.43
C LEU B 131 21.60 -1.84 -14.70
N ASN B 132 21.96 -0.56 -14.77
CA ASN B 132 23.35 -0.14 -14.98
C ASN B 132 24.08 -0.07 -13.66
N ASP B 133 25.42 -0.05 -13.72
CA ASP B 133 26.21 0.03 -12.50
C ASP B 133 26.27 1.48 -12.01
N VAL B 134 26.23 2.43 -12.95
CA VAL B 134 26.26 3.84 -12.59
C VAL B 134 24.93 4.51 -12.86
N ASN B 135 24.49 5.32 -11.90
CA ASN B 135 23.22 6.07 -11.92
C ASN B 135 22.06 5.12 -12.24
N PRO B 136 21.92 4.03 -11.47
CA PRO B 136 20.83 3.06 -11.65
C PRO B 136 19.42 3.53 -11.31
N GLU B 137 18.47 3.06 -12.11
CA GLU B 137 17.06 3.36 -11.93
C GLU B 137 16.51 2.54 -10.76
N ALA B 138 15.27 2.80 -10.37
CA ALA B 138 14.67 2.08 -9.28
C ALA B 138 14.45 0.60 -9.61
N TRP B 139 14.24 0.30 -10.88
CA TRP B 139 13.99 -1.08 -11.33
C TRP B 139 13.97 -1.22 -12.86
N PRO B 140 14.22 -2.44 -13.37
CA PRO B 140 14.23 -2.70 -14.82
C PRO B 140 12.79 -2.71 -15.29
N ARG B 141 12.59 -2.19 -16.52
CA ARG B 141 11.24 -2.09 -17.02
C ARG B 141 10.53 -3.26 -17.61
N ASP B 142 11.20 -4.40 -17.79
CA ASP B 142 10.40 -5.44 -18.34
C ASP B 142 10.38 -6.77 -17.69
N LEU B 143 10.18 -6.65 -16.41
CA LEU B 143 10.09 -7.77 -15.53
C LEU B 143 8.71 -8.37 -15.77
N LYS B 144 8.60 -9.64 -15.52
CA LYS B 144 7.38 -10.42 -15.72
C LYS B 144 6.72 -10.89 -14.43
N GLY B 145 5.54 -11.47 -14.60
CA GLY B 145 4.78 -12.04 -13.50
C GLY B 145 4.82 -11.29 -12.20
N MET B 146 5.31 -11.95 -11.17
CA MET B 146 5.42 -11.39 -9.83
C MET B 146 6.69 -10.57 -9.65
N ALA B 147 7.70 -10.87 -10.47
CA ALA B 147 8.99 -10.19 -10.41
C ALA B 147 9.64 -10.37 -9.04
N ALA B 148 9.89 -11.63 -8.69
CA ALA B 148 10.51 -11.98 -7.43
C ALA B 148 11.75 -11.15 -7.24
N VAL B 149 11.91 -10.59 -6.05
CA VAL B 149 13.06 -9.76 -5.73
C VAL B 149 14.31 -10.61 -5.56
N ARG B 150 14.22 -11.64 -4.72
CA ARG B 150 15.37 -12.51 -4.48
C ARG B 150 14.95 -13.81 -3.82
N PHE B 151 15.81 -14.80 -3.90
CA PHE B 151 15.61 -16.09 -3.27
C PHE B 151 15.87 -15.76 -1.80
N ASP B 152 14.84 -15.83 -0.98
CA ASP B 152 14.97 -15.47 0.42
C ASP B 152 15.45 -16.55 1.35
N HIS B 153 14.67 -17.63 1.46
CA HIS B 153 15.02 -18.72 2.36
C HIS B 153 14.29 -19.99 1.95
N ALA B 154 14.32 -20.99 2.82
CA ALA B 154 13.64 -22.27 2.59
C ALA B 154 13.41 -22.95 3.94
N LEU B 155 12.28 -23.63 4.10
CA LEU B 155 11.95 -24.32 5.35
C LEU B 155 12.01 -25.83 5.15
N MET B 156 12.66 -26.52 6.09
CA MET B 156 12.80 -27.96 6.01
C MET B 156 12.13 -28.78 7.11
N TYR B 157 11.64 -29.98 6.75
CA TYR B 157 11.03 -30.90 7.74
C TYR B 157 12.06 -31.99 7.94
N GLY B 158 12.38 -32.21 9.24
CA GLY B 158 13.56 -33.03 9.53
C GLY B 158 13.47 -33.85 10.79
N ASP B 159 14.46 -34.75 10.89
CA ASP B 159 14.52 -35.75 11.97
C ASP B 159 15.41 -35.46 13.22
N GLU B 160 16.52 -34.79 13.13
CA GLU B 160 17.35 -34.61 14.34
C GLU B 160 17.64 -33.14 14.62
N LEU B 161 16.65 -32.68 15.26
CA LEU B 161 16.80 -31.24 15.31
C LEU B 161 17.94 -30.75 16.20
N PRO B 162 18.14 -31.38 17.38
CA PRO B 162 19.22 -30.96 18.28
C PRO B 162 20.61 -30.98 17.65
N ALA B 163 20.92 -32.03 16.89
CA ALA B 163 22.22 -32.19 16.24
C ALA B 163 22.40 -31.21 15.09
N THR B 164 21.30 -30.90 14.43
CA THR B 164 21.32 -29.97 13.32
C THR B 164 21.52 -28.56 13.89
N TYR B 165 20.87 -28.29 15.02
CA TYR B 165 20.99 -26.97 15.68
C TYR B 165 22.44 -26.72 16.07
N ASP B 166 23.11 -27.73 16.61
CA ASP B 166 24.50 -27.59 17.02
C ASP B 166 25.42 -27.36 15.85
N LEU B 167 25.11 -27.98 14.72
CA LEU B 167 25.92 -27.85 13.53
C LEU B 167 25.83 -26.41 13.03
N PHE B 168 24.61 -25.93 12.82
CA PHE B 168 24.44 -24.58 12.31
C PHE B 168 24.91 -23.48 13.24
N THR B 169 24.69 -23.62 14.54
CA THR B 169 25.14 -22.60 15.46
C THR B 169 26.65 -22.63 15.72
N LYS B 170 27.14 -23.79 16.15
CA LYS B 170 28.55 -23.92 16.48
C LYS B 170 29.52 -23.84 15.33
N VAL B 171 29.45 -24.78 14.39
CA VAL B 171 30.39 -24.76 13.29
C VAL B 171 30.13 -23.77 12.15
N LEU B 172 28.86 -23.46 11.86
CA LEU B 172 28.53 -22.54 10.75
C LEU B 172 28.27 -21.07 11.07
N GLY B 173 27.97 -20.75 12.32
CA GLY B 173 27.75 -19.36 12.68
C GLY B 173 26.37 -18.74 12.50
N PHE B 174 25.32 -19.57 12.51
CA PHE B 174 23.95 -19.05 12.41
C PHE B 174 23.53 -18.83 13.86
N TYR B 175 22.61 -17.89 14.09
CA TYR B 175 22.11 -17.69 15.45
C TYR B 175 20.60 -17.92 15.46
N LEU B 176 20.09 -18.42 16.59
CA LEU B 176 18.66 -18.70 16.75
C LEU B 176 17.88 -17.38 16.79
N ALA B 177 16.96 -17.23 15.86
CA ALA B 177 16.15 -16.02 15.77
C ALA B 177 14.73 -16.23 16.32
N GLU B 178 14.11 -17.34 15.94
CA GLU B 178 12.77 -17.68 16.37
C GLU B 178 12.78 -19.16 16.74
N GLN B 179 11.86 -19.55 17.60
CA GLN B 179 11.75 -20.94 18.02
C GLN B 179 10.35 -21.20 18.55
N VAL B 180 9.95 -22.46 18.54
CA VAL B 180 8.66 -22.84 19.11
C VAL B 180 8.95 -24.02 20.01
N LEU B 181 8.64 -23.86 21.29
CA LEU B 181 8.86 -24.87 22.32
C LEU B 181 7.56 -25.49 22.78
N ASP B 182 7.64 -26.69 23.34
CA ASP B 182 6.46 -27.35 23.89
C ASP B 182 6.48 -27.18 25.42
N GLU B 183 5.63 -27.91 26.14
CA GLU B 183 5.59 -27.77 27.59
C GLU B 183 6.86 -28.15 28.34
N ASN B 184 7.72 -28.91 27.67
CA ASN B 184 8.97 -29.36 28.27
C ASN B 184 10.12 -28.42 27.96
N GLY B 185 9.93 -27.57 26.97
CA GLY B 185 10.98 -26.64 26.59
C GLY B 185 11.76 -27.23 25.43
N THR B 186 11.14 -28.16 24.71
CA THR B 186 11.74 -28.83 23.55
C THR B 186 11.45 -28.06 22.24
N ARG B 187 12.52 -27.73 21.49
CA ARG B 187 12.41 -26.99 20.23
C ARG B 187 11.80 -27.81 19.09
N VAL B 188 10.59 -27.44 18.73
CA VAL B 188 9.83 -28.10 17.70
C VAL B 188 10.14 -27.51 16.33
N ALA B 189 10.60 -26.27 16.33
CA ALA B 189 10.96 -25.59 15.10
C ALA B 189 12.01 -24.60 15.53
N GLN B 190 12.90 -24.28 14.61
CA GLN B 190 13.99 -23.36 14.89
C GLN B 190 14.25 -22.53 13.66
N PHE B 191 14.26 -21.21 13.84
CA PHE B 191 14.49 -20.29 12.75
C PHE B 191 15.85 -19.65 12.97
N LEU B 192 16.81 -20.06 12.16
CA LEU B 192 18.19 -19.60 12.24
C LEU B 192 18.46 -18.44 11.31
N SER B 193 19.10 -17.40 11.84
CA SER B 193 19.42 -16.25 11.04
C SER B 193 20.91 -16.16 10.81
N LEU B 194 21.29 -15.53 9.70
CA LEU B 194 22.67 -15.36 9.35
C LEU B 194 23.09 -13.91 9.59
N SER B 195 22.14 -12.98 9.52
CA SER B 195 22.41 -11.56 9.75
C SER B 195 21.27 -10.77 10.47
N THR B 196 20.36 -10.18 9.70
CA THR B 196 19.25 -9.39 10.27
C THR B 196 17.87 -9.95 9.95
N LYS B 197 17.84 -10.91 9.03
CA LYS B 197 16.60 -11.54 8.58
C LYS B 197 16.04 -12.44 9.67
N ALA B 198 14.72 -12.53 9.74
CA ALA B 198 14.05 -13.38 10.72
C ALA B 198 14.61 -14.79 10.62
N HIS B 199 15.02 -15.16 9.41
CA HIS B 199 15.58 -16.46 9.13
C HIS B 199 16.06 -16.66 7.68
N ASP B 200 17.20 -17.34 7.54
CA ASP B 200 17.80 -17.67 6.25
C ASP B 200 17.60 -19.14 5.94
N VAL B 201 17.30 -19.91 6.97
CA VAL B 201 17.04 -21.34 6.87
C VAL B 201 16.23 -21.67 8.12
N ALA B 202 15.39 -22.69 8.04
CA ALA B 202 14.58 -23.06 9.17
C ALA B 202 14.23 -24.54 9.08
N PHE B 203 14.03 -25.15 10.24
CA PHE B 203 13.71 -26.56 10.32
C PHE B 203 12.56 -26.76 11.31
N ILE B 204 11.65 -27.66 10.96
CA ILE B 204 10.54 -28.04 11.82
C ILE B 204 10.68 -29.55 11.89
N HIS B 205 10.41 -30.13 13.06
CA HIS B 205 10.57 -31.56 13.22
C HIS B 205 9.65 -32.41 12.36
N HIS B 206 10.15 -33.56 11.94
CA HIS B 206 9.39 -34.49 11.12
C HIS B 206 10.01 -35.87 11.23
N PRO B 207 9.18 -36.92 11.21
CA PRO B 207 9.64 -38.31 11.30
C PRO B 207 10.53 -38.73 10.14
N GLU B 208 10.19 -38.28 8.94
CA GLU B 208 10.97 -38.61 7.76
C GLU B 208 11.92 -37.48 7.37
N LYS B 209 13.18 -37.86 7.22
CA LYS B 209 14.26 -36.95 6.86
C LYS B 209 14.18 -36.35 5.46
N GLY B 210 15.00 -35.34 5.22
CA GLY B 210 15.08 -34.72 3.92
C GLY B 210 13.88 -34.08 3.27
N ARG B 211 12.79 -33.89 4.00
CA ARG B 211 11.62 -33.25 3.42
C ARG B 211 11.83 -31.73 3.25
N LEU B 212 11.23 -31.20 2.19
CA LEU B 212 11.31 -29.77 1.88
C LEU B 212 9.90 -29.24 2.02
N HIS B 213 9.71 -28.27 2.90
CA HIS B 213 8.38 -27.70 3.07
C HIS B 213 8.14 -26.71 1.95
N HIS B 214 9.05 -25.76 1.78
CA HIS B 214 8.92 -24.76 0.74
C HIS B 214 10.19 -23.97 0.49
N VAL B 215 10.28 -23.40 -0.70
CA VAL B 215 11.37 -22.54 -1.09
C VAL B 215 10.73 -21.17 -1.18
N SER B 216 11.25 -20.12 -0.50
CA SER B 216 10.64 -18.75 -0.63
C SER B 216 11.41 -17.81 -1.49
N PHE B 217 10.62 -16.86 -1.93
CA PHE B 217 11.08 -15.75 -2.73
C PHE B 217 10.57 -14.45 -2.15
N HIS B 218 11.45 -13.48 -2.00
CA HIS B 218 11.06 -12.21 -1.42
C HIS B 218 10.34 -11.29 -2.38
N LEU B 219 9.27 -10.69 -1.88
CA LEU B 219 8.46 -9.74 -2.63
C LEU B 219 8.48 -8.49 -1.76
N GLU B 220 8.33 -7.32 -2.35
CA GLU B 220 8.42 -6.10 -1.58
C GLU B 220 7.28 -5.63 -0.68
N THR B 221 6.09 -5.46 -1.26
CA THR B 221 4.94 -4.95 -0.52
C THR B 221 3.71 -5.85 -0.43
N TRP B 222 2.78 -5.43 0.45
CA TRP B 222 1.51 -6.12 0.66
C TRP B 222 0.65 -6.00 -0.59
N GLU B 223 0.82 -4.91 -1.34
CA GLU B 223 0.07 -4.75 -2.59
C GLU B 223 0.73 -5.57 -3.70
N ASP B 224 1.99 -5.99 -3.47
CA ASP B 224 2.68 -6.84 -4.43
C ASP B 224 2.16 -8.25 -4.25
N LEU B 225 1.78 -8.57 -3.01
CA LEU B 225 1.24 -9.87 -2.66
C LEU B 225 -0.17 -10.05 -3.22
N LEU B 226 -0.92 -8.96 -3.28
CA LEU B 226 -2.27 -9.02 -3.82
C LEU B 226 -2.14 -9.23 -5.34
N ARG B 227 -1.18 -8.53 -5.95
CA ARG B 227 -0.94 -8.64 -7.38
C ARG B 227 -0.56 -10.08 -7.69
N ALA B 228 0.30 -10.64 -6.88
CA ALA B 228 0.75 -12.01 -7.05
C ALA B 228 -0.42 -13.01 -6.97
N ALA B 229 -1.30 -12.82 -5.98
CA ALA B 229 -2.44 -13.71 -5.81
C ALA B 229 -3.44 -13.60 -6.97
N ASP B 230 -3.51 -12.42 -7.58
CA ASP B 230 -4.40 -12.22 -8.72
C ASP B 230 -3.83 -13.05 -9.85
N LEU B 231 -2.50 -13.01 -9.97
CA LEU B 231 -1.79 -13.76 -10.99
C LEU B 231 -1.95 -15.27 -10.82
N ILE B 232 -2.14 -15.72 -9.58
CA ILE B 232 -2.32 -17.13 -9.34
C ILE B 232 -3.68 -17.54 -9.92
N SER B 233 -4.72 -16.79 -9.57
CA SER B 233 -6.05 -17.09 -10.08
C SER B 233 -6.03 -17.06 -11.58
N MET B 234 -5.43 -15.99 -12.11
CA MET B 234 -5.30 -15.74 -13.54
C MET B 234 -4.71 -16.91 -14.29
N THR B 235 -3.55 -17.39 -13.84
CA THR B 235 -2.86 -18.50 -14.48
C THR B 235 -3.35 -19.88 -14.06
N ASP B 236 -4.29 -19.89 -13.12
CA ASP B 236 -4.88 -21.11 -12.57
C ASP B 236 -3.84 -22.00 -11.90
N THR B 237 -2.91 -21.34 -11.22
CA THR B 237 -1.87 -22.00 -10.46
C THR B 237 -2.57 -22.45 -9.17
N SER B 238 -2.07 -23.51 -8.53
CA SER B 238 -2.66 -24.02 -7.29
C SER B 238 -2.19 -23.18 -6.10
N ILE B 239 -3.11 -22.78 -5.23
CA ILE B 239 -2.77 -21.97 -4.07
C ILE B 239 -2.93 -22.80 -2.79
N ASP B 240 -1.97 -22.71 -1.88
CA ASP B 240 -2.04 -23.46 -0.63
C ASP B 240 -2.71 -22.63 0.45
N ILE B 241 -2.23 -21.41 0.70
CA ILE B 241 -2.84 -20.53 1.69
C ILE B 241 -2.61 -19.09 1.24
N GLY B 242 -3.74 -18.40 0.95
CA GLY B 242 -3.80 -17.03 0.44
C GLY B 242 -3.04 -15.91 1.12
N PRO B 243 -3.29 -14.64 0.76
CA PRO B 243 -2.55 -13.55 1.42
C PRO B 243 -2.92 -13.51 2.90
N THR B 244 -1.93 -13.67 3.77
CA THR B 244 -2.16 -13.64 5.21
C THR B 244 -0.87 -13.23 5.91
N ARG B 245 -0.82 -13.41 7.23
CA ARG B 245 0.36 -13.05 8.00
C ARG B 245 0.78 -14.20 8.94
N HIS B 246 2.08 -14.46 9.04
CA HIS B 246 2.61 -15.51 9.90
C HIS B 246 2.72 -15.06 11.35
N GLY B 247 2.47 -15.97 12.29
CA GLY B 247 2.61 -15.62 13.69
C GLY B 247 4.10 -15.46 13.93
N LEU B 248 4.86 -16.45 13.44
CA LEU B 248 6.32 -16.47 13.51
C LEU B 248 6.80 -15.50 12.43
N THR B 249 7.79 -14.67 12.78
CA THR B 249 8.39 -13.66 11.91
C THR B 249 7.46 -12.48 11.54
N HIS B 250 6.16 -12.68 11.66
CA HIS B 250 5.16 -11.66 11.34
C HIS B 250 5.19 -11.15 9.89
N GLY B 251 5.72 -11.96 8.99
CA GLY B 251 5.80 -11.59 7.59
C GLY B 251 4.53 -12.01 6.86
N LYS B 252 4.16 -11.25 5.82
CA LYS B 252 2.97 -11.51 5.02
C LYS B 252 3.34 -12.56 3.99
N THR B 253 2.43 -13.52 3.76
CA THR B 253 2.75 -14.62 2.86
C THR B 253 1.61 -15.24 2.06
N ILE B 254 2.00 -15.88 0.95
CA ILE B 254 1.09 -16.64 0.08
C ILE B 254 1.88 -17.91 -0.28
N TYR B 255 1.21 -19.06 -0.15
CA TYR B 255 1.80 -20.35 -0.46
C TYR B 255 1.09 -20.88 -1.69
N PHE B 256 1.85 -21.40 -2.65
CA PHE B 256 1.31 -21.96 -3.88
C PHE B 256 2.23 -23.05 -4.41
N PHE B 257 1.73 -23.89 -5.32
CA PHE B 257 2.53 -24.99 -5.85
C PHE B 257 2.97 -24.82 -7.29
N ASP B 258 4.11 -25.42 -7.61
CA ASP B 258 4.60 -25.39 -8.98
C ASP B 258 4.09 -26.63 -9.73
N PRO B 259 4.30 -26.73 -11.04
CA PRO B 259 3.82 -27.90 -11.77
C PRO B 259 4.21 -29.25 -11.18
N SER B 260 5.31 -29.28 -10.44
CA SER B 260 5.79 -30.52 -9.85
C SER B 260 5.30 -30.80 -8.44
N GLY B 261 4.55 -29.88 -7.86
CA GLY B 261 4.05 -30.09 -6.52
C GLY B 261 4.95 -29.48 -5.44
N ASN B 262 6.13 -28.94 -5.86
CA ASN B 262 6.96 -28.20 -4.90
C ASN B 262 6.22 -26.95 -4.44
N ARG B 263 6.33 -26.67 -3.19
CA ARG B 263 5.67 -25.48 -2.69
C ARG B 263 6.56 -24.26 -2.76
N ASN B 264 5.98 -23.18 -3.19
CA ASN B 264 6.71 -21.93 -3.30
C ASN B 264 6.04 -20.92 -2.36
N GLU B 265 6.84 -20.12 -1.71
CA GLU B 265 6.29 -19.07 -0.87
C GLU B 265 6.79 -17.76 -1.44
N VAL B 266 5.98 -16.75 -1.33
CA VAL B 266 6.32 -15.41 -1.79
C VAL B 266 5.90 -14.62 -0.56
N PHE B 267 6.75 -13.73 -0.08
CA PHE B 267 6.38 -13.00 1.09
C PHE B 267 7.08 -11.65 1.18
N CYS B 268 6.56 -10.79 2.05
CA CYS B 268 7.16 -9.49 2.25
C CYS B 268 7.22 -9.07 3.71
N GLY B 269 8.10 -8.11 3.97
CA GLY B 269 8.32 -7.55 5.30
C GLY B 269 7.95 -8.26 6.60
N GLY B 270 8.95 -8.91 7.19
CA GLY B 270 8.74 -9.56 8.46
C GLY B 270 9.47 -8.73 9.50
N ASP B 271 9.83 -9.35 10.61
CA ASP B 271 10.53 -8.66 11.68
C ASP B 271 12.03 -8.86 11.53
N TYR B 272 12.78 -7.91 12.04
CA TYR B 272 14.24 -8.01 11.97
C TYR B 272 14.81 -8.31 13.36
N ASN B 273 16.03 -8.75 13.36
CA ASN B 273 16.72 -9.05 14.61
C ASN B 273 18.22 -8.90 14.40
N TYR B 274 18.92 -8.98 15.49
CA TYR B 274 20.36 -8.85 15.50
C TYR B 274 20.92 -9.92 16.43
N PRO B 275 22.14 -10.36 16.22
CA PRO B 275 22.70 -11.44 17.05
C PRO B 275 22.43 -11.34 18.56
N ASP B 276 22.34 -10.12 19.06
CA ASP B 276 22.14 -9.87 20.48
C ASP B 276 20.72 -9.94 21.03
N HIS B 277 19.72 -10.09 20.15
CA HIS B 277 18.33 -10.20 20.57
C HIS B 277 18.10 -11.61 21.08
N LYS B 278 17.21 -11.75 22.07
CA LYS B 278 16.84 -13.07 22.60
C LYS B 278 15.87 -13.67 21.58
N PRO B 279 15.97 -14.98 21.30
CA PRO B 279 15.03 -15.52 20.31
C PRO B 279 13.56 -15.29 20.68
N VAL B 280 12.76 -14.96 19.67
CA VAL B 280 11.33 -14.75 19.88
C VAL B 280 10.77 -16.15 20.03
N THR B 281 9.97 -16.34 21.06
CA THR B 281 9.40 -17.64 21.37
C THR B 281 7.91 -17.76 21.14
N TRP B 282 7.52 -18.90 20.60
CA TRP B 282 6.14 -19.20 20.37
C TRP B 282 5.97 -20.55 21.00
N THR B 283 4.78 -20.82 21.52
CA THR B 283 4.57 -22.10 22.14
C THR B 283 3.67 -23.02 21.34
N THR B 284 3.80 -24.29 21.64
CA THR B 284 3.05 -25.33 20.99
C THR B 284 1.53 -25.17 21.15
N ASP B 285 1.08 -24.62 22.28
CA ASP B 285 -0.36 -24.44 22.46
C ASP B 285 -0.92 -23.35 21.54
N GLN B 286 -0.02 -22.61 20.90
CA GLN B 286 -0.39 -21.54 19.99
C GLN B 286 0.15 -21.88 18.63
N LEU B 287 0.23 -23.16 18.32
CA LEU B 287 0.76 -23.57 17.03
C LEU B 287 -0.07 -23.00 15.90
N GLY B 288 -1.40 -23.00 16.07
CA GLY B 288 -2.28 -22.45 15.05
C GLY B 288 -1.86 -21.03 14.69
N LYS B 289 -1.83 -20.17 15.70
CA LYS B 289 -1.45 -18.77 15.52
C LYS B 289 0.00 -18.60 15.06
N ALA B 290 0.91 -19.39 15.63
CA ALA B 290 2.32 -19.33 15.29
C ALA B 290 2.57 -19.47 13.78
N ILE B 291 1.71 -20.22 13.11
CA ILE B 291 1.85 -20.42 11.68
C ILE B 291 0.93 -19.46 10.96
N PHE B 292 -0.35 -19.49 11.35
CA PHE B 292 -1.39 -18.65 10.75
C PHE B 292 -1.98 -17.69 11.76
N TYR B 293 -1.38 -16.52 11.80
CA TYR B 293 -1.74 -15.43 12.70
C TYR B 293 -3.20 -15.00 12.69
N HIS B 294 -3.75 -14.76 11.51
CA HIS B 294 -5.14 -14.31 11.37
C HIS B 294 -6.23 -15.36 11.64
N ASP B 295 -5.96 -16.63 11.34
CA ASP B 295 -6.95 -17.69 11.55
C ASP B 295 -6.76 -18.43 12.85
N ARG B 296 -5.50 -18.45 13.31
CA ARG B 296 -5.11 -19.10 14.55
C ARG B 296 -5.43 -20.60 14.58
N ILE B 297 -5.53 -21.20 13.39
CA ILE B 297 -5.76 -22.63 13.25
C ILE B 297 -4.84 -23.09 12.13
N LEU B 298 -4.51 -24.37 12.12
CA LEU B 298 -3.62 -24.94 11.11
C LEU B 298 -4.29 -25.54 9.86
N ASN B 299 -3.74 -25.21 8.70
CA ASN B 299 -4.22 -25.72 7.42
C ASN B 299 -3.80 -27.19 7.42
N GLU B 300 -4.77 -28.09 7.27
CA GLU B 300 -4.54 -29.54 7.25
C GLU B 300 -3.33 -29.92 6.40
N ARG B 301 -3.30 -29.40 5.19
CA ARG B 301 -2.25 -29.67 4.23
C ARG B 301 -0.93 -28.95 4.48
N PHE B 302 -0.93 -28.00 5.41
CA PHE B 302 0.27 -27.25 5.76
C PHE B 302 1.30 -28.21 6.34
N MET B 303 0.85 -29.10 7.20
CA MET B 303 1.76 -30.06 7.84
C MET B 303 1.93 -31.37 7.08
N THR B 304 0.91 -31.75 6.32
CA THR B 304 0.93 -33.01 5.61
C THR B 304 1.69 -33.04 4.29
N VAL B 305 1.41 -32.06 3.43
CA VAL B 305 2.03 -32.00 2.11
C VAL B 305 3.45 -31.47 2.09
N LEU B 306 4.37 -32.32 1.64
CA LEU B 306 5.79 -32.02 1.53
C LEU B 306 6.29 -32.52 0.17
N THR B 307 7.58 -32.42 -0.06
CA THR B 307 8.16 -32.86 -1.31
C THR B 307 9.63 -33.23 -1.10
N MET C 1 -26.34 13.94 -11.65
CA MET C 1 -27.37 13.03 -12.23
C MET C 1 -28.80 13.54 -12.03
N ASN C 2 -28.93 14.78 -11.56
CA ASN C 2 -30.23 15.39 -11.32
C ASN C 2 -31.03 15.60 -12.61
N LYS C 3 -30.32 15.73 -13.73
CA LYS C 3 -30.94 15.92 -15.03
C LYS C 3 -30.28 14.99 -16.05
N GLY C 4 -30.09 13.73 -15.69
CA GLY C 4 -29.49 12.76 -16.59
C GLY C 4 -28.00 12.77 -16.91
N VAL C 5 -27.25 13.80 -16.53
CA VAL C 5 -25.81 13.82 -16.86
C VAL C 5 -25.02 12.84 -16.01
N MET C 6 -24.40 11.86 -16.67
CA MET C 6 -23.65 10.81 -16.03
C MET C 6 -22.19 11.06 -15.65
N ARG C 7 -21.33 11.34 -16.63
CA ARG C 7 -19.92 11.51 -16.33
C ARG C 7 -19.12 12.10 -17.48
N PRO C 8 -17.86 12.50 -17.24
CA PRO C 8 -17.05 13.05 -18.32
C PRO C 8 -16.82 11.95 -19.36
N GLY C 9 -17.29 12.18 -20.56
CA GLY C 9 -17.36 11.21 -21.66
C GLY C 9 -16.06 11.19 -22.47
N HIS C 10 -15.56 12.37 -22.78
CA HIS C 10 -14.30 12.50 -23.55
C HIS C 10 -13.82 13.96 -23.59
N VAL C 11 -12.55 14.10 -23.95
CA VAL C 11 -11.89 15.41 -24.04
C VAL C 11 -10.97 15.45 -25.28
N GLN C 12 -11.02 16.57 -26.01
CA GLN C 12 -10.15 16.71 -27.17
C GLN C 12 -9.06 17.73 -26.87
N LEU C 13 -7.83 17.26 -26.80
CA LEU C 13 -6.67 18.11 -26.52
C LEU C 13 -5.89 18.36 -27.78
N ARG C 14 -5.30 19.54 -27.87
CA ARG C 14 -4.48 19.93 -29.01
C ARG C 14 -3.05 19.65 -28.65
N VAL C 15 -2.37 18.90 -29.51
CA VAL C 15 -0.96 18.60 -29.28
C VAL C 15 -0.13 19.23 -30.40
N LEU C 16 1.13 19.50 -30.11
CA LEU C 16 2.01 20.11 -31.08
C LEU C 16 2.71 19.09 -31.98
N ASP C 17 2.75 17.83 -31.55
CA ASP C 17 3.36 16.77 -32.33
C ASP C 17 2.65 15.50 -31.92
N MET C 18 2.02 14.86 -32.91
CA MET C 18 1.25 13.65 -32.67
C MET C 18 2.11 12.51 -32.13
N SER C 19 3.21 12.20 -32.80
CA SER C 19 4.08 11.12 -32.36
C SER C 19 4.56 11.27 -30.91
N LYS C 20 5.08 12.43 -30.56
CA LYS C 20 5.54 12.64 -29.20
C LYS C 20 4.38 12.51 -28.23
N ALA C 21 3.24 13.11 -28.57
CA ALA C 21 2.04 13.07 -27.74
C ALA C 21 1.58 11.64 -27.48
N LEU C 22 1.62 10.83 -28.53
CA LEU C 22 1.21 9.43 -28.47
C LEU C 22 2.09 8.63 -27.52
N GLU C 23 3.40 8.84 -27.61
CA GLU C 23 4.32 8.14 -26.72
C GLU C 23 3.96 8.44 -25.27
N HIS C 24 3.64 9.69 -24.99
CA HIS C 24 3.27 10.10 -23.65
C HIS C 24 1.98 9.38 -23.24
N TYR C 25 0.96 9.51 -24.09
CA TYR C 25 -0.35 8.93 -23.81
C TYR C 25 -0.56 7.43 -23.93
N VAL C 26 0.24 6.71 -24.73
CA VAL C 26 0.05 5.25 -24.75
C VAL C 26 1.18 4.58 -23.98
N GLU C 27 2.40 5.04 -24.19
CA GLU C 27 3.55 4.46 -23.51
C GLU C 27 3.71 4.81 -22.04
N LEU C 28 3.43 6.06 -21.66
CA LEU C 28 3.56 6.48 -20.26
C LEU C 28 2.30 6.18 -19.45
N LEU C 29 1.20 6.87 -19.77
CA LEU C 29 -0.06 6.69 -19.06
C LEU C 29 -0.76 5.35 -19.29
N GLY C 30 -0.39 4.66 -20.37
CA GLY C 30 -0.99 3.37 -20.67
C GLY C 30 -2.37 3.38 -21.30
N LEU C 31 -2.69 4.46 -22.02
CA LEU C 31 -3.97 4.60 -22.71
C LEU C 31 -3.95 3.80 -24.00
N ILE C 32 -5.06 3.18 -24.34
CA ILE C 32 -5.13 2.37 -25.56
C ILE C 32 -5.59 3.19 -26.78
N GLU C 33 -4.80 3.17 -27.85
CA GLU C 33 -5.17 3.86 -29.07
C GLU C 33 -6.24 2.98 -29.70
N MET C 34 -7.41 3.58 -29.94
CA MET C 34 -8.53 2.84 -30.46
C MET C 34 -8.92 3.13 -31.90
N ASP C 35 -8.64 4.34 -32.37
CA ASP C 35 -9.04 4.72 -33.72
C ASP C 35 -8.18 5.86 -34.23
N ARG C 36 -8.38 6.22 -35.49
CA ARG C 36 -7.68 7.33 -36.13
C ARG C 36 -8.57 7.94 -37.21
N ASP C 37 -8.98 9.17 -36.94
CA ASP C 37 -9.84 9.96 -37.81
C ASP C 37 -9.22 10.11 -39.19
N ASP C 38 -10.07 10.35 -40.17
CA ASP C 38 -9.62 10.55 -41.55
C ASP C 38 -8.93 11.91 -41.67
N GLN C 39 -8.85 12.65 -40.56
CA GLN C 39 -8.21 13.95 -40.57
C GLN C 39 -7.12 14.06 -39.52
N GLY C 40 -6.39 12.96 -39.31
CA GLY C 40 -5.29 12.95 -38.37
C GLY C 40 -5.61 13.17 -36.89
N ARG C 41 -6.84 12.85 -36.52
CA ARG C 41 -7.30 12.98 -35.14
C ARG C 41 -7.23 11.55 -34.59
N VAL C 42 -6.51 11.34 -33.50
CA VAL C 42 -6.41 9.99 -32.95
C VAL C 42 -7.22 9.80 -31.66
N TYR C 43 -7.86 8.64 -31.53
CA TYR C 43 -8.74 8.32 -30.41
C TYR C 43 -8.15 7.31 -29.45
N LEU C 44 -8.18 7.61 -28.16
CA LEU C 44 -7.64 6.71 -27.13
C LEU C 44 -8.60 6.51 -25.96
N LYS C 45 -8.42 5.44 -25.20
CA LYS C 45 -9.27 5.18 -24.04
C LYS C 45 -8.48 4.56 -22.91
N ALA C 46 -9.11 4.43 -21.75
CA ALA C 46 -8.50 3.82 -20.58
C ALA C 46 -9.16 2.44 -20.52
N TRP C 47 -8.46 1.46 -19.99
CA TRP C 47 -8.98 0.11 -19.96
C TRP C 47 -10.28 -0.19 -19.21
N THR C 48 -10.52 0.48 -18.07
CA THR C 48 -11.74 0.21 -17.30
C THR C 48 -12.98 0.79 -17.98
N GLU C 49 -12.75 1.76 -18.86
CA GLU C 49 -13.84 2.41 -19.58
C GLU C 49 -14.54 1.46 -20.52
N VAL C 50 -15.86 1.59 -20.55
CA VAL C 50 -16.70 0.73 -21.36
C VAL C 50 -16.93 1.23 -22.79
N ASP C 51 -16.71 2.51 -23.05
CA ASP C 51 -16.91 3.04 -24.40
C ASP C 51 -15.62 3.15 -25.20
N LYS C 52 -15.76 3.27 -26.52
CA LYS C 52 -14.62 3.32 -27.44
C LYS C 52 -13.50 4.32 -27.24
N PHE C 53 -13.79 5.50 -26.70
CA PHE C 53 -12.74 6.51 -26.48
C PHE C 53 -13.11 7.62 -25.50
N SER C 54 -12.10 8.12 -24.76
CA SER C 54 -12.28 9.21 -23.80
C SER C 54 -11.37 10.38 -24.14
N LEU C 55 -10.28 10.09 -24.83
CA LEU C 55 -9.34 11.14 -25.20
C LEU C 55 -9.13 11.17 -26.68
N VAL C 56 -9.12 12.36 -27.25
CA VAL C 56 -8.89 12.50 -28.66
C VAL C 56 -7.84 13.59 -28.85
N LEU C 57 -6.76 13.21 -29.51
CA LEU C 57 -5.65 14.09 -29.78
C LEU C 57 -5.70 14.64 -31.21
N ARG C 58 -5.25 15.87 -31.39
CA ARG C 58 -5.20 16.48 -32.72
C ARG C 58 -4.10 17.52 -32.81
N GLU C 59 -3.29 17.43 -33.87
CA GLU C 59 -2.22 18.38 -34.04
C GLU C 59 -2.76 19.77 -34.37
N ALA C 60 -2.24 20.76 -33.68
CA ALA C 60 -2.64 22.13 -33.88
C ALA C 60 -1.40 22.95 -33.58
N ASP C 61 -1.47 24.23 -33.90
CA ASP C 61 -0.38 25.16 -33.66
C ASP C 61 -0.09 25.37 -32.17
N GLU C 62 -1.13 25.37 -31.36
CA GLU C 62 -0.95 25.53 -29.92
C GLU C 62 -1.59 24.39 -29.17
N PRO C 63 -1.26 24.24 -27.88
CA PRO C 63 -1.83 23.17 -27.05
C PRO C 63 -3.10 23.71 -26.40
N GLY C 64 -3.75 22.89 -25.59
CA GLY C 64 -4.96 23.34 -24.92
C GLY C 64 -6.13 22.40 -25.11
N MET C 65 -7.32 22.88 -24.76
CA MET C 65 -8.51 22.04 -24.87
C MET C 65 -9.52 22.55 -25.87
N ASP C 66 -9.95 21.71 -26.80
CA ASP C 66 -10.96 22.11 -27.78
C ASP C 66 -12.35 22.06 -27.14
N PHE C 67 -12.68 20.91 -26.57
CA PHE C 67 -13.95 20.71 -25.90
C PHE C 67 -13.87 19.58 -24.88
N MET C 68 -14.85 19.52 -23.99
CA MET C 68 -14.95 18.47 -22.99
C MET C 68 -16.38 17.98 -23.12
N GLY C 69 -16.54 16.67 -23.33
CA GLY C 69 -17.87 16.12 -23.47
C GLY C 69 -18.29 15.35 -22.24
N PHE C 70 -19.60 15.34 -21.97
CA PHE C 70 -20.18 14.63 -20.84
C PHE C 70 -21.25 13.74 -21.45
N LYS C 71 -21.41 12.53 -20.92
CA LYS C 71 -22.42 11.64 -21.46
C LYS C 71 -23.67 11.67 -20.59
N VAL C 72 -24.83 11.74 -21.24
CA VAL C 72 -26.12 11.75 -20.55
C VAL C 72 -26.75 10.37 -20.70
N VAL C 73 -27.69 10.05 -19.81
CA VAL C 73 -28.35 8.74 -19.80
C VAL C 73 -28.96 8.26 -21.13
N ASP C 74 -29.90 9.02 -21.70
CA ASP C 74 -30.50 8.63 -22.98
C ASP C 74 -30.75 9.80 -23.93
N GLU C 75 -31.24 9.47 -25.13
CA GLU C 75 -31.53 10.46 -26.16
C GLU C 75 -32.51 11.51 -25.65
N ASP C 76 -33.47 11.09 -24.85
CA ASP C 76 -34.47 12.00 -24.29
C ASP C 76 -33.83 13.00 -23.34
N ALA C 77 -32.94 12.52 -22.47
CA ALA C 77 -32.26 13.41 -21.55
C ALA C 77 -31.47 14.41 -22.38
N LEU C 78 -31.01 13.98 -23.56
CA LEU C 78 -30.23 14.84 -24.45
C LEU C 78 -31.12 15.92 -25.05
N ARG C 79 -32.38 15.60 -25.29
CA ARG C 79 -33.35 16.53 -25.87
C ARG C 79 -33.78 17.60 -24.89
N GLN C 80 -34.24 17.19 -23.70
CA GLN C 80 -34.67 18.15 -22.69
C GLN C 80 -33.56 19.12 -22.31
N LEU C 81 -32.34 18.63 -22.24
CA LEU C 81 -31.18 19.47 -21.91
C LEU C 81 -30.95 20.44 -23.08
N GLU C 82 -31.05 19.92 -24.29
CA GLU C 82 -30.88 20.69 -25.50
C GLU C 82 -31.90 21.85 -25.49
N ARG C 83 -33.15 21.52 -25.13
CA ARG C 83 -34.24 22.49 -25.04
C ARG C 83 -33.93 23.50 -23.96
N ASP C 84 -33.46 23.00 -22.83
CA ASP C 84 -33.16 23.83 -21.67
C ASP C 84 -32.00 24.80 -21.92
N LEU C 85 -30.98 24.36 -22.63
CA LEU C 85 -29.85 25.25 -22.93
C LEU C 85 -30.36 26.37 -23.83
N MET C 86 -31.09 26.01 -24.88
CA MET C 86 -31.64 27.00 -25.82
C MET C 86 -32.63 27.96 -25.15
N ALA C 87 -33.54 27.41 -24.34
CA ALA C 87 -34.53 28.23 -23.64
C ALA C 87 -33.82 29.11 -22.62
N TYR C 88 -32.71 28.61 -22.07
CA TYR C 88 -31.93 29.37 -21.09
C TYR C 88 -31.31 30.56 -21.81
N GLY C 89 -31.35 30.53 -23.13
CA GLY C 89 -30.80 31.58 -23.95
C GLY C 89 -29.37 31.33 -24.39
N CYS C 90 -28.99 30.05 -24.52
CA CYS C 90 -27.63 29.68 -24.92
C CYS C 90 -27.49 29.29 -26.40
N ALA C 91 -26.43 29.78 -27.02
CA ALA C 91 -26.13 29.48 -28.41
C ALA C 91 -25.68 28.02 -28.43
N VAL C 92 -26.47 27.18 -29.06
CA VAL C 92 -26.15 25.76 -29.10
C VAL C 92 -25.74 25.31 -30.50
N GLU C 93 -24.66 24.54 -30.57
CA GLU C 93 -24.19 24.00 -31.83
C GLU C 93 -24.48 22.51 -31.84
N GLN C 94 -25.03 22.01 -32.93
CA GLN C 94 -25.35 20.60 -33.04
C GLN C 94 -24.44 19.95 -34.07
N LEU C 95 -23.60 19.02 -33.61
CA LEU C 95 -22.71 18.29 -34.50
C LEU C 95 -23.46 17.01 -34.85
N PRO C 96 -23.43 16.59 -36.12
CA PRO C 96 -24.15 15.37 -36.46
C PRO C 96 -23.40 14.16 -35.94
N ALA C 97 -24.10 13.03 -35.83
CA ALA C 97 -23.47 11.80 -35.40
C ALA C 97 -22.46 11.47 -36.49
N GLY C 98 -21.32 10.89 -36.09
CA GLY C 98 -20.31 10.53 -37.05
C GLY C 98 -19.25 11.59 -37.28
N GLU C 99 -19.51 12.82 -36.84
CA GLU C 99 -18.53 13.89 -37.00
C GLU C 99 -17.28 13.44 -36.23
N LEU C 100 -17.49 12.82 -35.07
CA LEU C 100 -16.39 12.25 -34.28
C LEU C 100 -16.60 10.75 -34.51
N ASN C 101 -15.59 10.04 -34.94
CA ASN C 101 -15.69 8.62 -35.30
C ASN C 101 -16.30 7.82 -34.15
N SER C 102 -17.27 6.97 -34.51
CA SER C 102 -17.97 6.09 -33.55
C SER C 102 -18.74 6.83 -32.46
N CYS C 103 -19.09 8.08 -32.69
CA CYS C 103 -19.80 8.85 -31.68
C CYS C 103 -21.15 9.33 -32.21
N GLY C 104 -22.13 9.39 -31.32
CA GLY C 104 -23.46 9.84 -31.67
C GLY C 104 -23.50 11.34 -31.86
N ARG C 105 -24.70 11.89 -31.97
CA ARG C 105 -24.85 13.33 -32.16
C ARG C 105 -24.44 14.08 -30.92
N ARG C 106 -23.99 15.31 -31.11
CA ARG C 106 -23.55 16.13 -30.00
C ARG C 106 -24.16 17.51 -29.99
N VAL C 107 -24.33 18.03 -28.78
CA VAL C 107 -24.87 19.36 -28.56
C VAL C 107 -23.77 20.07 -27.79
N ARG C 108 -23.08 20.99 -28.44
CA ARG C 108 -21.98 21.71 -27.82
C ARG C 108 -22.36 23.11 -27.47
N PHE C 109 -21.69 23.66 -26.45
CA PHE C 109 -21.95 25.01 -26.02
C PHE C 109 -20.71 25.53 -25.32
N GLN C 110 -20.52 26.85 -25.37
CA GLN C 110 -19.37 27.45 -24.70
C GLN C 110 -19.88 28.09 -23.42
N ALA C 111 -19.31 27.71 -22.28
CA ALA C 111 -19.72 28.24 -20.99
C ALA C 111 -19.14 29.64 -20.81
N PRO C 112 -19.78 30.48 -19.97
CA PRO C 112 -19.35 31.86 -19.68
C PRO C 112 -17.84 32.01 -19.44
N SER C 113 -17.25 31.07 -18.69
CA SER C 113 -15.83 31.11 -18.38
C SER C 113 -14.94 31.01 -19.62
N GLY C 114 -15.55 30.76 -20.78
CA GLY C 114 -14.82 30.68 -22.03
C GLY C 114 -14.51 29.29 -22.56
N HIS C 115 -14.92 28.24 -21.85
CA HIS C 115 -14.64 26.86 -22.28
C HIS C 115 -15.80 26.17 -23.03
N HIS C 116 -15.47 25.19 -23.85
CA HIS C 116 -16.51 24.46 -24.60
C HIS C 116 -16.84 23.10 -24.03
N PHE C 117 -18.11 22.92 -23.71
CA PHE C 117 -18.57 21.67 -23.17
C PHE C 117 -19.63 21.15 -24.12
N GLU C 118 -19.85 19.84 -24.12
CA GLU C 118 -20.83 19.26 -25.00
C GLU C 118 -21.43 17.97 -24.46
N LEU C 119 -22.73 17.79 -24.72
CA LEU C 119 -23.45 16.61 -24.28
C LEU C 119 -23.67 15.66 -25.47
N TYR C 120 -23.75 14.37 -25.19
CA TYR C 120 -24.01 13.37 -26.21
C TYR C 120 -24.66 12.17 -25.53
N ALA C 121 -25.64 11.59 -26.21
CA ALA C 121 -26.37 10.46 -25.65
C ALA C 121 -25.67 9.11 -25.79
N ASP C 122 -24.93 8.90 -26.88
CA ASP C 122 -24.26 7.61 -27.03
C ASP C 122 -22.94 7.61 -27.79
N LYS C 123 -22.25 6.49 -27.67
CA LYS C 123 -20.95 6.27 -28.30
C LYS C 123 -20.77 4.75 -28.37
N GLU C 124 -20.03 4.28 -29.37
CA GLU C 124 -19.81 2.86 -29.57
C GLU C 124 -19.31 2.18 -28.28
N TYR C 125 -20.10 1.22 -27.80
CA TYR C 125 -19.79 0.47 -26.59
C TYR C 125 -18.80 -0.61 -26.94
N THR C 126 -17.74 -0.69 -26.14
CA THR C 126 -16.67 -1.67 -26.38
C THR C 126 -16.41 -2.63 -25.21
N GLY C 127 -16.87 -2.28 -24.01
CA GLY C 127 -16.61 -3.12 -22.86
C GLY C 127 -15.21 -2.79 -22.35
N LYS C 128 -14.82 -3.35 -21.20
CA LYS C 128 -13.49 -3.07 -20.64
C LYS C 128 -12.41 -3.61 -21.55
N TRP C 129 -11.31 -2.89 -21.65
CA TRP C 129 -10.24 -3.34 -22.50
C TRP C 129 -9.54 -4.56 -21.95
N GLY C 130 -9.35 -5.56 -22.80
CA GLY C 130 -8.67 -6.79 -22.44
C GLY C 130 -9.34 -7.70 -21.42
N LEU C 131 -10.66 -7.60 -21.31
CA LEU C 131 -11.38 -8.41 -20.34
C LEU C 131 -12.63 -9.03 -20.95
N ASN C 132 -12.97 -10.22 -20.50
CA ASN C 132 -14.16 -10.93 -20.98
C ASN C 132 -15.39 -10.30 -20.34
N ASP C 133 -16.53 -10.51 -20.98
CA ASP C 133 -17.81 -10.00 -20.50
C ASP C 133 -18.38 -10.94 -19.43
N VAL C 134 -18.04 -12.22 -19.54
CA VAL C 134 -18.50 -13.21 -18.59
C VAL C 134 -17.28 -13.67 -17.83
N ASN C 135 -17.45 -13.87 -16.52
CA ASN C 135 -16.39 -14.31 -15.63
C ASN C 135 -15.10 -13.55 -15.89
N PRO C 136 -15.15 -12.22 -15.78
CA PRO C 136 -13.99 -11.36 -16.01
C PRO C 136 -12.88 -11.44 -14.96
N GLU C 137 -11.63 -11.32 -15.41
CA GLU C 137 -10.47 -11.32 -14.51
C GLU C 137 -10.38 -9.97 -13.85
N ALA C 138 -9.57 -9.86 -12.79
CA ALA C 138 -9.46 -8.59 -12.09
C ALA C 138 -8.83 -7.48 -12.92
N TRP C 139 -8.00 -7.85 -13.89
CA TRP C 139 -7.35 -6.87 -14.77
C TRP C 139 -6.70 -7.49 -15.99
N PRO C 140 -6.60 -6.72 -17.09
CA PRO C 140 -6.00 -7.17 -18.34
C PRO C 140 -4.51 -7.37 -18.10
N ARG C 141 -3.93 -8.32 -18.81
CA ARG C 141 -2.53 -8.62 -18.60
C ARG C 141 -1.46 -7.75 -19.23
N ASP C 142 -1.82 -6.92 -20.33
CA ASP C 142 -0.64 -6.26 -20.93
C ASP C 142 -0.81 -4.74 -21.00
N LEU C 143 -0.97 -4.16 -19.84
CA LEU C 143 -1.10 -2.71 -19.73
C LEU C 143 0.30 -2.10 -19.69
N LYS C 144 0.43 -1.01 -20.43
CA LYS C 144 1.69 -0.24 -20.53
C LYS C 144 1.67 0.91 -19.51
N GLY C 145 2.85 1.38 -19.14
CA GLY C 145 3.05 2.57 -18.23
C GLY C 145 2.35 2.48 -16.84
N MET C 146 1.56 3.53 -16.57
CA MET C 146 0.81 3.70 -15.29
C MET C 146 -0.53 2.98 -15.33
N ALA C 147 -0.88 2.74 -16.52
CA ALA C 147 -2.12 2.04 -16.79
C ALA C 147 -3.27 2.75 -16.10
N ALA C 148 -3.52 3.99 -16.51
CA ALA C 148 -4.58 4.77 -15.93
C ALA C 148 -5.93 4.06 -16.08
N VAL C 149 -6.71 4.17 -15.02
CA VAL C 149 -8.02 3.56 -14.94
C VAL C 149 -9.02 4.25 -15.83
N ARG C 150 -9.09 5.57 -15.72
CA ARG C 150 -10.06 6.31 -16.50
C ARG C 150 -9.84 7.79 -16.45
N PHE C 151 -10.27 8.45 -17.52
CA PHE C 151 -10.21 9.90 -17.62
C PHE C 151 -11.21 10.27 -16.53
N ASP C 152 -10.75 11.07 -15.59
CA ASP C 152 -11.56 11.41 -14.43
C ASP C 152 -12.25 12.77 -14.43
N HIS C 153 -11.48 13.83 -14.66
CA HIS C 153 -12.03 15.17 -14.64
C HIS C 153 -11.00 16.10 -15.23
N ALA C 154 -11.30 17.38 -15.23
CA ALA C 154 -10.38 18.39 -15.73
C ALA C 154 -10.63 19.69 -14.95
N LEU C 155 -9.58 20.47 -14.75
CA LEU C 155 -9.65 21.73 -14.02
C LEU C 155 -9.57 22.87 -15.04
N MET C 156 -10.61 23.67 -15.09
CA MET C 156 -10.70 24.80 -15.99
C MET C 156 -10.36 26.12 -15.30
N TYR C 157 -9.52 26.93 -15.86
CA TYR C 157 -9.27 28.29 -15.39
C TYR C 157 -10.10 29.23 -16.28
N GLY C 158 -11.07 29.90 -15.63
CA GLY C 158 -12.01 30.79 -16.37
C GLY C 158 -12.35 32.10 -15.62
N ASP C 159 -13.11 32.92 -16.36
CA ASP C 159 -13.54 34.25 -15.89
C ASP C 159 -14.93 34.26 -15.27
N GLU C 160 -16.01 33.69 -15.71
CA GLU C 160 -17.34 33.98 -15.08
C GLU C 160 -17.87 32.77 -14.32
N LEU C 161 -17.27 32.78 -13.08
CA LEU C 161 -17.61 31.59 -12.33
C LEU C 161 -19.07 31.52 -11.88
N PRO C 162 -19.67 32.65 -11.45
CA PRO C 162 -21.07 32.66 -11.01
C PRO C 162 -22.04 32.26 -12.11
N ALA C 163 -21.85 32.87 -13.28
CA ALA C 163 -22.67 32.58 -14.46
C ALA C 163 -22.46 31.11 -14.79
N THR C 164 -21.20 30.68 -14.79
CA THR C 164 -20.85 29.29 -15.07
C THR C 164 -21.48 28.35 -14.04
N TYR C 165 -21.51 28.80 -12.79
CA TYR C 165 -22.09 28.03 -11.69
C TYR C 165 -23.57 27.78 -11.93
N ASP C 166 -24.30 28.84 -12.24
CA ASP C 166 -25.73 28.71 -12.48
C ASP C 166 -25.98 27.78 -13.66
N LEU C 167 -25.17 27.92 -14.71
CA LEU C 167 -25.32 27.09 -15.89
C LEU C 167 -25.16 25.61 -15.55
N PHE C 168 -24.11 25.28 -14.81
CA PHE C 168 -23.85 23.90 -14.43
C PHE C 168 -24.76 23.28 -13.40
N THR C 169 -25.37 24.09 -12.54
CA THR C 169 -26.25 23.54 -11.52
C THR C 169 -27.69 23.58 -12.00
N LYS C 170 -28.21 24.78 -12.18
CA LYS C 170 -29.59 24.94 -12.62
C LYS C 170 -29.93 24.23 -13.92
N VAL C 171 -29.06 24.32 -14.92
CA VAL C 171 -29.35 23.69 -16.22
C VAL C 171 -28.78 22.27 -16.43
N LEU C 172 -27.54 22.03 -16.04
CA LEU C 172 -26.97 20.70 -16.26
C LEU C 172 -27.13 19.65 -15.15
N GLY C 173 -27.63 20.05 -13.99
CA GLY C 173 -27.86 19.10 -12.92
C GLY C 173 -26.67 18.71 -12.09
N PHE C 174 -25.63 19.55 -12.08
CA PHE C 174 -24.43 19.31 -11.28
C PHE C 174 -24.71 19.93 -9.91
N TYR C 175 -23.82 19.71 -8.95
CA TYR C 175 -23.96 20.31 -7.62
C TYR C 175 -22.54 20.50 -7.09
N LEU C 176 -22.25 21.59 -6.41
CA LEU C 176 -20.89 21.70 -5.91
C LEU C 176 -20.68 20.93 -4.63
N ALA C 177 -19.66 20.10 -4.66
CA ALA C 177 -19.29 19.30 -3.53
C ALA C 177 -18.34 20.12 -2.65
N GLU C 178 -17.53 20.98 -3.29
CA GLU C 178 -16.55 21.81 -2.61
C GLU C 178 -16.41 23.21 -3.21
N GLN C 179 -15.66 24.08 -2.54
CA GLN C 179 -15.46 25.46 -2.98
C GLN C 179 -14.41 26.16 -2.14
N VAL C 180 -13.90 27.30 -2.61
CA VAL C 180 -12.97 28.09 -1.81
C VAL C 180 -13.54 29.51 -1.86
N LEU C 181 -13.70 30.10 -0.69
CA LEU C 181 -14.24 31.45 -0.56
C LEU C 181 -13.13 32.39 -0.17
N ASP C 182 -13.21 33.62 -0.68
CA ASP C 182 -12.20 34.60 -0.35
C ASP C 182 -12.61 35.42 0.87
N GLU C 183 -11.87 36.50 1.10
CA GLU C 183 -12.09 37.42 2.20
C GLU C 183 -13.55 37.87 2.32
N ASN C 184 -14.08 38.43 1.19
CA ASN C 184 -15.44 38.99 1.24
C ASN C 184 -16.47 37.93 0.82
N GLY C 185 -16.25 36.65 1.18
CA GLY C 185 -17.21 35.58 0.96
C GLY C 185 -17.57 35.28 -0.49
N THR C 186 -16.66 35.59 -1.41
CA THR C 186 -16.85 35.37 -2.84
C THR C 186 -16.26 34.02 -3.30
N ARG C 187 -17.08 33.20 -3.96
CA ARG C 187 -16.67 31.88 -4.44
C ARG C 187 -15.57 32.00 -5.52
N VAL C 188 -14.37 31.62 -5.14
CA VAL C 188 -13.19 31.73 -6.00
C VAL C 188 -12.85 30.44 -6.73
N ALA C 189 -13.45 29.34 -6.29
CA ALA C 189 -13.21 28.06 -6.92
C ALA C 189 -14.44 27.23 -6.63
N GLN C 190 -14.84 26.44 -7.63
CA GLN C 190 -16.00 25.59 -7.49
C GLN C 190 -15.70 24.20 -8.01
N PHE C 191 -15.98 23.20 -7.19
CA PHE C 191 -15.77 21.80 -7.56
C PHE C 191 -17.14 21.16 -7.71
N LEU C 192 -17.53 21.01 -8.97
CA LEU C 192 -18.83 20.48 -9.33
C LEU C 192 -18.89 18.97 -9.54
N SER C 193 -19.81 18.35 -8.81
CA SER C 193 -20.02 16.92 -8.86
C SER C 193 -21.34 16.54 -9.54
N LEU C 194 -21.33 15.34 -10.13
CA LEU C 194 -22.47 14.78 -10.84
C LEU C 194 -23.19 13.71 -9.98
N SER C 195 -22.43 12.93 -9.21
CA SER C 195 -23.03 11.91 -8.33
C SER C 195 -22.29 11.66 -7.00
N THR C 196 -21.15 10.98 -7.04
CA THR C 196 -20.44 10.67 -5.80
C THR C 196 -19.03 11.25 -5.74
N LYS C 197 -18.47 11.53 -6.91
CA LYS C 197 -17.12 12.07 -7.00
C LYS C 197 -16.99 13.45 -6.35
N ALA C 198 -15.78 13.75 -5.87
CA ALA C 198 -15.50 15.03 -5.23
C ALA C 198 -15.73 16.14 -6.24
N HIS C 199 -15.55 15.80 -7.51
CA HIS C 199 -15.73 16.71 -8.61
C HIS C 199 -15.52 16.00 -9.94
N ASP C 200 -16.38 16.33 -10.91
CA ASP C 200 -16.34 15.77 -12.25
C ASP C 200 -15.77 16.82 -13.21
N VAL C 201 -15.82 18.07 -12.77
CA VAL C 201 -15.34 19.21 -13.52
C VAL C 201 -15.20 20.32 -12.48
N ALA C 202 -14.19 21.18 -12.63
CA ALA C 202 -13.95 22.28 -11.66
C ALA C 202 -13.49 23.55 -12.36
N PHE C 203 -13.78 24.70 -11.74
CA PHE C 203 -13.39 25.99 -12.30
C PHE C 203 -12.72 26.88 -11.23
N ILE C 204 -11.55 27.42 -11.54
CA ILE C 204 -10.82 28.32 -10.64
C ILE C 204 -10.74 29.66 -11.38
N HIS C 205 -11.05 30.75 -10.68
CA HIS C 205 -11.02 32.06 -11.34
C HIS C 205 -9.68 32.45 -11.94
N HIS C 206 -9.76 32.95 -13.15
CA HIS C 206 -8.60 33.37 -13.90
C HIS C 206 -9.11 34.53 -14.74
N PRO C 207 -8.33 35.62 -14.84
CA PRO C 207 -8.63 36.84 -15.60
C PRO C 207 -8.89 36.61 -17.08
N GLU C 208 -8.27 35.56 -17.61
CA GLU C 208 -8.43 35.20 -19.01
C GLU C 208 -9.31 33.97 -19.09
N LYS C 209 -10.19 33.97 -20.08
CA LYS C 209 -11.12 32.88 -20.29
C LYS C 209 -10.46 31.78 -21.11
N GLY C 210 -11.11 30.62 -21.12
CA GLY C 210 -10.65 29.49 -21.93
C GLY C 210 -9.51 28.58 -21.51
N ARG C 211 -8.69 29.02 -20.55
CA ARG C 211 -7.53 28.26 -20.08
C ARG C 211 -7.81 26.85 -19.56
N LEU C 212 -6.96 25.89 -19.95
CA LEU C 212 -7.08 24.52 -19.49
C LEU C 212 -5.92 24.37 -18.52
N HIS C 213 -6.23 24.02 -17.28
CA HIS C 213 -5.20 23.85 -16.26
C HIS C 213 -4.58 22.46 -16.35
N HIS C 214 -5.43 21.42 -16.32
CA HIS C 214 -4.96 20.04 -16.40
C HIS C 214 -6.14 19.13 -16.66
N VAL C 215 -5.83 17.93 -17.14
CA VAL C 215 -6.81 16.90 -17.39
C VAL C 215 -6.30 15.78 -16.47
N SER C 216 -7.20 15.08 -15.77
CA SER C 216 -6.79 14.02 -14.85
C SER C 216 -7.20 12.63 -15.22
N PHE C 217 -6.36 11.69 -14.83
CA PHE C 217 -6.62 10.29 -15.06
C PHE C 217 -6.53 9.64 -13.69
N HIS C 218 -7.35 8.62 -13.50
CA HIS C 218 -7.41 7.94 -12.25
C HIS C 218 -6.45 6.79 -12.14
N LEU C 219 -5.82 6.67 -10.99
CA LEU C 219 -4.90 5.59 -10.72
C LEU C 219 -5.48 4.99 -9.46
N GLU C 220 -5.43 3.67 -9.32
CA GLU C 220 -6.02 3.04 -8.15
C GLU C 220 -5.43 3.31 -6.77
N THR C 221 -4.14 3.06 -6.56
CA THR C 221 -3.55 3.27 -5.24
C THR C 221 -2.39 4.23 -5.11
N TRP C 222 -2.02 4.52 -3.86
CA TRP C 222 -0.91 5.42 -3.52
C TRP C 222 0.41 4.82 -4.04
N GLU C 223 0.49 3.48 -4.02
CA GLU C 223 1.68 2.80 -4.50
C GLU C 223 1.76 2.89 -6.02
N ASP C 224 0.61 3.00 -6.68
CA ASP C 224 0.57 3.14 -8.14
C ASP C 224 1.07 4.53 -8.47
N LEU C 225 0.74 5.50 -7.62
CA LEU C 225 1.20 6.87 -7.79
C LEU C 225 2.72 6.83 -7.76
N LEU C 226 3.25 6.07 -6.81
CA LEU C 226 4.68 5.90 -6.65
C LEU C 226 5.29 5.30 -7.90
N ARG C 227 4.65 4.26 -8.46
CA ARG C 227 5.15 3.64 -9.67
C ARG C 227 5.10 4.62 -10.84
N ALA C 228 4.04 5.41 -10.89
CA ALA C 228 3.86 6.41 -11.92
C ALA C 228 5.00 7.44 -11.87
N ALA C 229 5.39 7.85 -10.66
CA ALA C 229 6.46 8.83 -10.50
C ALA C 229 7.83 8.24 -10.83
N ASP C 230 8.00 6.95 -10.61
CA ASP C 230 9.27 6.30 -10.93
C ASP C 230 9.40 6.31 -12.46
N LEU C 231 8.29 6.01 -13.14
CA LEU C 231 8.23 5.98 -14.58
C LEU C 231 8.60 7.34 -15.14
N ILE C 232 7.98 8.39 -14.60
CA ILE C 232 8.25 9.76 -15.02
C ILE C 232 9.73 10.08 -15.08
N SER C 233 10.51 9.64 -14.08
CA SER C 233 11.95 9.87 -14.05
C SER C 233 12.70 9.07 -15.12
N MET C 234 12.34 7.80 -15.25
CA MET C 234 12.95 6.90 -16.23
C MET C 234 12.62 7.34 -17.65
N THR C 235 11.47 8.00 -17.79
CA THR C 235 10.99 8.51 -19.06
C THR C 235 11.55 9.92 -19.28
N ASP C 236 11.90 10.58 -18.18
CA ASP C 236 12.42 11.94 -18.17
C ASP C 236 11.34 12.92 -18.58
N THR C 237 10.16 12.76 -17.99
CA THR C 237 9.03 13.63 -18.26
C THR C 237 9.09 14.81 -17.31
N SER C 238 8.62 15.95 -17.78
CA SER C 238 8.62 17.14 -16.93
C SER C 238 7.56 16.97 -15.84
N ILE C 239 8.02 16.98 -14.60
CA ILE C 239 7.14 16.83 -13.47
C ILE C 239 6.89 18.21 -12.88
N ASP C 240 5.64 18.50 -12.52
CA ASP C 240 5.29 19.78 -11.91
C ASP C 240 5.35 19.66 -10.38
N ILE C 241 4.54 18.79 -9.79
CA ILE C 241 4.52 18.63 -8.35
C ILE C 241 4.31 17.16 -7.94
N GLY C 242 5.34 16.61 -7.28
CA GLY C 242 5.41 15.21 -6.86
C GLY C 242 4.31 14.64 -5.97
N PRO C 243 4.44 13.36 -5.56
CA PRO C 243 3.49 12.63 -4.70
C PRO C 243 3.10 13.46 -3.49
N THR C 244 1.88 13.97 -3.51
CA THR C 244 1.42 14.80 -2.43
C THR C 244 -0.08 14.60 -2.28
N ARG C 245 -0.68 15.39 -1.40
CA ARG C 245 -2.10 15.34 -1.15
C ARG C 245 -2.68 16.74 -1.19
N HIS C 246 -3.90 16.84 -1.69
CA HIS C 246 -4.62 18.11 -1.77
C HIS C 246 -5.40 18.31 -0.48
N GLY C 247 -5.94 19.52 -0.31
CA GLY C 247 -6.76 19.84 0.84
C GLY C 247 -8.17 19.66 0.31
N LEU C 248 -8.41 20.23 -0.86
CA LEU C 248 -9.69 20.11 -1.54
C LEU C 248 -9.67 18.69 -2.10
N THR C 249 -10.77 17.96 -1.90
CA THR C 249 -10.93 16.58 -2.34
C THR C 249 -10.12 15.61 -1.49
N HIS C 250 -9.00 16.09 -0.94
CA HIS C 250 -8.10 15.26 -0.12
C HIS C 250 -7.46 14.08 -0.89
N GLY C 251 -7.51 14.17 -2.22
CA GLY C 251 -6.94 13.12 -3.07
C GLY C 251 -5.43 13.22 -3.27
N LYS C 252 -4.79 12.06 -3.41
CA LYS C 252 -3.35 11.98 -3.63
C LYS C 252 -3.10 12.29 -5.11
N THR C 253 -2.08 13.09 -5.41
CA THR C 253 -1.87 13.50 -6.78
C THR C 253 -0.43 13.71 -7.23
N ILE C 254 -0.24 13.80 -8.55
CA ILE C 254 1.05 14.07 -9.19
C ILE C 254 0.74 14.82 -10.48
N TYR C 255 1.33 16.01 -10.63
CA TYR C 255 1.12 16.81 -11.83
C TYR C 255 2.37 16.71 -12.69
N PHE C 256 2.21 16.44 -13.98
CA PHE C 256 3.32 16.36 -14.92
C PHE C 256 2.85 16.90 -16.27
N PHE C 257 3.74 17.01 -17.26
CA PHE C 257 3.33 17.56 -18.56
C PHE C 257 3.53 16.64 -19.76
N ASP C 258 2.63 16.76 -20.74
CA ASP C 258 2.80 15.98 -21.96
C ASP C 258 3.78 16.80 -22.80
N PRO C 259 4.35 16.23 -23.88
CA PRO C 259 5.32 16.93 -24.74
C PRO C 259 4.90 18.29 -25.34
N SER C 260 3.61 18.57 -25.33
CA SER C 260 3.12 19.83 -25.87
C SER C 260 2.85 20.89 -24.80
N GLY C 261 3.14 20.56 -23.54
CA GLY C 261 2.95 21.50 -22.46
C GLY C 261 1.65 21.37 -21.68
N ASN C 262 0.74 20.53 -22.18
CA ASN C 262 -0.53 20.29 -21.48
C ASN C 262 -0.27 19.54 -20.18
N ARG C 263 -0.88 20.02 -19.11
CA ARG C 263 -0.70 19.34 -17.82
C ARG C 263 -1.50 18.06 -17.70
N ASN C 264 -0.93 17.08 -17.07
CA ASN C 264 -1.60 15.77 -16.85
C ASN C 264 -1.54 15.45 -15.33
N GLU C 265 -2.64 15.17 -14.70
CA GLU C 265 -2.58 14.84 -13.29
C GLU C 265 -3.03 13.41 -13.17
N VAL C 266 -2.35 12.66 -12.29
CA VAL C 266 -2.60 11.29 -12.02
C VAL C 266 -2.85 11.29 -10.54
N PHE C 267 -4.03 10.78 -10.17
CA PHE C 267 -4.40 10.74 -8.77
C PHE C 267 -5.24 9.54 -8.31
N CYS C 268 -5.42 9.46 -7.01
CA CYS C 268 -6.19 8.41 -6.38
C CYS C 268 -6.80 8.85 -5.05
N GLY C 269 -7.85 8.14 -4.66
CA GLY C 269 -8.57 8.36 -3.41
C GLY C 269 -8.91 9.71 -2.84
N GLY C 270 -9.78 10.46 -3.52
CA GLY C 270 -10.20 11.73 -2.97
C GLY C 270 -11.29 11.42 -1.95
N ASP C 271 -12.19 12.36 -1.72
CA ASP C 271 -13.29 12.15 -0.80
C ASP C 271 -14.58 11.92 -1.60
N TYR C 272 -15.52 11.26 -0.97
CA TYR C 272 -16.79 11.13 -1.69
C TYR C 272 -17.83 12.08 -1.10
N ASN C 273 -18.93 12.16 -1.79
CA ASN C 273 -20.07 13.00 -1.35
C ASN C 273 -21.33 12.58 -2.10
N TYR C 274 -22.41 13.10 -1.57
CA TYR C 274 -23.76 12.87 -2.10
C TYR C 274 -24.49 14.21 -2.15
N PRO C 275 -25.45 14.37 -2.98
CA PRO C 275 -26.17 15.63 -3.11
C PRO C 275 -26.59 16.30 -1.80
N ASP C 276 -26.75 15.53 -0.73
CA ASP C 276 -27.17 16.09 0.55
C ASP C 276 -26.10 16.64 1.50
N HIS C 277 -24.83 16.45 1.15
CA HIS C 277 -23.72 16.95 1.95
C HIS C 277 -23.58 18.45 1.69
N LYS C 278 -23.24 19.21 2.73
CA LYS C 278 -23.01 20.66 2.59
C LYS C 278 -21.64 20.81 1.93
N PRO C 279 -21.49 21.75 0.98
CA PRO C 279 -20.20 21.91 0.33
C PRO C 279 -19.06 22.16 1.30
N VAL C 280 -18.01 21.35 1.17
CA VAL C 280 -16.84 21.52 2.02
C VAL C 280 -16.26 22.86 1.59
N THR C 281 -15.85 23.66 2.56
CA THR C 281 -15.35 24.98 2.27
C THR C 281 -13.91 25.15 2.70
N TRP C 282 -13.16 25.86 1.88
CA TRP C 282 -11.76 26.18 2.15
C TRP C 282 -11.70 27.67 1.99
N THR C 283 -10.83 28.33 2.75
CA THR C 283 -10.74 29.77 2.68
C THR C 283 -9.48 30.23 1.97
N THR C 284 -9.46 31.48 1.52
CA THR C 284 -8.31 32.00 0.79
C THR C 284 -7.04 32.13 1.64
N ASP C 285 -7.17 32.39 2.94
CA ASP C 285 -5.98 32.51 3.80
C ASP C 285 -5.26 31.17 3.94
N GLN C 286 -6.02 30.10 3.71
CA GLN C 286 -5.53 28.73 3.79
C GLN C 286 -5.27 28.15 2.40
N LEU C 287 -5.22 29.01 1.39
CA LEU C 287 -5.00 28.55 0.01
C LEU C 287 -3.84 27.58 -0.13
N GLY C 288 -2.67 27.93 0.41
CA GLY C 288 -1.52 27.06 0.31
C GLY C 288 -1.84 25.62 0.63
N LYS C 289 -2.49 25.42 1.77
CA LYS C 289 -2.87 24.11 2.23
C LYS C 289 -4.04 23.50 1.43
N ALA C 290 -4.94 24.34 0.94
CA ALA C 290 -6.09 23.88 0.17
C ALA C 290 -5.65 23.12 -1.10
N ILE C 291 -4.54 23.58 -1.66
CA ILE C 291 -3.95 23.00 -2.86
C ILE C 291 -2.93 21.92 -2.47
N PHE C 292 -1.95 22.31 -1.68
CA PHE C 292 -0.92 21.37 -1.22
C PHE C 292 -1.04 21.25 0.28
N TYR C 293 -1.69 20.16 0.71
CA TYR C 293 -1.94 19.88 2.11
C TYR C 293 -0.67 19.63 2.88
N HIS C 294 0.20 18.79 2.35
CA HIS C 294 1.46 18.44 3.01
C HIS C 294 2.42 19.62 3.21
N ASP C 295 2.59 20.40 2.14
CA ASP C 295 3.52 21.54 2.11
C ASP C 295 2.91 22.86 2.61
N ARG C 296 1.60 22.96 2.47
CA ARG C 296 0.85 24.14 2.88
C ARG C 296 1.19 25.45 2.16
N ILE C 297 1.80 25.35 0.98
CA ILE C 297 2.16 26.54 0.20
C ILE C 297 2.06 26.28 -1.32
N LEU C 298 1.70 27.32 -2.08
CA LEU C 298 1.55 27.21 -3.53
C LEU C 298 2.88 27.24 -4.30
N ASN C 299 2.92 26.65 -5.49
CA ASN C 299 4.14 26.64 -6.30
C ASN C 299 3.95 27.25 -7.69
N GLU C 300 4.91 28.09 -8.09
CA GLU C 300 4.93 28.80 -9.37
C GLU C 300 4.00 28.24 -10.45
N ARG C 301 4.46 27.19 -11.10
CA ARG C 301 3.74 26.51 -12.17
C ARG C 301 2.29 26.15 -11.86
N PHE C 302 2.01 25.86 -10.60
CA PHE C 302 0.64 25.52 -10.22
C PHE C 302 -0.30 26.56 -10.75
N MET C 303 -0.05 27.81 -10.38
CA MET C 303 -0.91 28.92 -10.78
C MET C 303 -0.49 29.61 -12.08
N THR C 304 0.81 29.77 -12.29
CA THR C 304 1.30 30.43 -13.49
C THR C 304 0.92 29.67 -14.75
N VAL C 305 1.46 28.46 -14.87
CA VAL C 305 1.24 27.61 -16.03
C VAL C 305 -0.18 27.07 -16.27
N LEU C 306 -0.73 27.45 -17.43
CA LEU C 306 -2.04 27.03 -17.93
C LEU C 306 -1.76 26.73 -19.41
N THR C 307 -2.79 26.36 -20.16
CA THR C 307 -2.59 26.02 -21.57
C THR C 307 -3.85 26.35 -22.39
N MET D 1 30.15 -5.43 9.81
CA MET D 1 30.08 -6.58 10.76
C MET D 1 31.38 -7.38 10.76
N ASN D 2 32.38 -6.90 10.06
CA ASN D 2 33.65 -7.64 9.97
C ASN D 2 34.38 -7.58 11.31
N LYS D 3 34.44 -6.43 11.96
CA LYS D 3 35.12 -6.33 13.25
C LYS D 3 34.17 -6.57 14.42
N GLY D 4 32.94 -6.93 14.11
CA GLY D 4 31.94 -7.20 15.13
C GLY D 4 31.04 -6.04 15.47
N VAL D 5 30.93 -5.07 14.55
CA VAL D 5 30.07 -3.90 14.76
C VAL D 5 28.72 -4.23 14.12
N MET D 6 27.66 -4.19 14.94
CA MET D 6 26.30 -4.54 14.51
C MET D 6 25.41 -3.44 13.96
N ARG D 7 25.16 -2.40 14.77
CA ARG D 7 24.26 -1.32 14.36
C ARG D 7 24.38 -0.06 15.24
N PRO D 8 23.81 1.07 14.75
CA PRO D 8 23.85 2.32 15.53
C PRO D 8 22.89 2.11 16.71
N GLY D 9 23.37 2.43 17.93
CA GLY D 9 22.64 2.07 19.15
C GLY D 9 21.99 3.32 19.80
N HIS D 10 22.62 4.46 19.61
CA HIS D 10 22.09 5.72 20.16
C HIS D 10 22.82 6.93 19.58
N VAL D 11 22.14 8.04 19.66
CA VAL D 11 22.64 9.32 19.17
C VAL D 11 22.13 10.43 20.08
N GLN D 12 23.04 11.25 20.52
CA GLN D 12 22.66 12.29 21.46
C GLN D 12 22.52 13.63 20.77
N LEU D 13 21.28 14.09 20.69
CA LEU D 13 20.94 15.35 20.04
C LEU D 13 20.75 16.51 21.00
N ARG D 14 21.31 17.66 20.65
CA ARG D 14 21.17 18.86 21.46
C ARG D 14 19.90 19.50 20.95
N VAL D 15 19.09 19.98 21.88
CA VAL D 15 17.83 20.62 21.53
C VAL D 15 17.80 21.91 22.35
N LEU D 16 17.04 22.91 21.92
CA LEU D 16 16.96 24.15 22.69
C LEU D 16 15.95 24.06 23.83
N ASP D 17 14.78 23.50 23.56
CA ASP D 17 13.74 23.35 24.58
C ASP D 17 13.30 21.91 24.65
N MET D 18 13.51 21.30 25.81
CA MET D 18 13.17 19.90 26.05
C MET D 18 11.68 19.64 25.93
N SER D 19 10.88 20.61 26.36
CA SER D 19 9.42 20.49 26.32
C SER D 19 8.87 20.43 24.90
N LYS D 20 9.30 21.34 24.04
CA LYS D 20 8.81 21.32 22.68
C LYS D 20 9.40 20.15 21.92
N ALA D 21 10.66 19.85 22.21
CA ALA D 21 11.35 18.75 21.57
C ALA D 21 10.69 17.42 21.96
N LEU D 22 10.36 17.26 23.22
CA LEU D 22 9.74 16.03 23.70
C LEU D 22 8.39 15.79 23.05
N GLU D 23 7.62 16.86 22.97
CA GLU D 23 6.30 16.82 22.35
C GLU D 23 6.45 16.36 20.89
N HIS D 24 7.53 16.80 20.26
CA HIS D 24 7.83 16.44 18.88
C HIS D 24 8.21 14.95 18.71
N TYR D 25 9.24 14.51 19.44
CA TYR D 25 9.71 13.13 19.35
C TYR D 25 8.77 12.06 19.88
N VAL D 26 7.87 12.42 20.80
CA VAL D 26 6.95 11.42 21.32
C VAL D 26 5.54 11.50 20.73
N GLU D 27 5.03 12.69 20.52
CA GLU D 27 3.68 12.81 19.98
C GLU D 27 3.63 12.73 18.46
N LEU D 28 4.70 13.19 17.81
CA LEU D 28 4.76 13.17 16.36
C LEU D 28 5.48 11.92 15.90
N LEU D 29 6.73 11.75 16.30
CA LEU D 29 7.47 10.57 15.88
C LEU D 29 6.94 9.30 16.53
N GLY D 30 6.33 9.44 17.69
CA GLY D 30 5.78 8.28 18.36
C GLY D 30 6.83 7.45 19.07
N LEU D 31 7.87 8.12 19.58
CA LEU D 31 8.96 7.47 20.30
C LEU D 31 8.56 7.32 21.78
N ILE D 32 9.12 6.32 22.44
CA ILE D 32 8.80 6.08 23.84
C ILE D 32 9.87 6.62 24.79
N GLU D 33 9.42 7.43 25.74
CA GLU D 33 10.27 8.04 26.77
C GLU D 33 10.52 6.95 27.82
N MET D 34 11.77 6.57 27.99
CA MET D 34 12.14 5.51 28.92
C MET D 34 12.77 5.91 30.25
N ASP D 35 13.51 7.02 30.30
CA ASP D 35 14.21 7.36 31.53
C ASP D 35 14.68 8.83 31.54
N ARG D 36 15.22 9.27 32.68
CA ARG D 36 15.72 10.63 32.88
C ARG D 36 16.84 10.61 33.93
N ASP D 37 17.95 11.31 33.67
CA ASP D 37 19.04 11.34 34.64
C ASP D 37 19.18 12.66 35.38
N ASP D 38 20.21 12.75 36.21
CA ASP D 38 20.48 13.95 37.00
C ASP D 38 21.03 15.12 36.18
N GLN D 39 21.35 14.87 34.91
CA GLN D 39 21.87 15.94 34.07
C GLN D 39 20.75 16.58 33.26
N GLY D 40 19.53 16.09 33.45
CA GLY D 40 18.37 16.64 32.78
C GLY D 40 18.14 16.14 31.38
N ARG D 41 18.68 14.97 31.06
CA ARG D 41 18.50 14.40 29.72
C ARG D 41 17.39 13.38 29.80
N VAL D 42 16.65 13.24 28.70
CA VAL D 42 15.59 12.25 28.62
C VAL D 42 15.97 11.23 27.55
N TYR D 43 15.78 9.96 27.88
CA TYR D 43 16.09 8.81 27.03
C TYR D 43 14.84 8.24 26.37
N LEU D 44 14.88 8.02 25.07
CA LEU D 44 13.74 7.50 24.31
C LEU D 44 14.11 6.29 23.46
N LYS D 45 13.09 5.56 23.02
CA LYS D 45 13.32 4.39 22.18
C LYS D 45 12.19 4.17 21.17
N ALA D 46 12.40 3.23 20.27
CA ALA D 46 11.41 2.86 19.29
C ALA D 46 10.91 1.51 19.81
N TRP D 47 9.71 1.11 19.42
CA TRP D 47 9.13 -0.12 19.92
C TRP D 47 9.65 -1.44 19.37
N THR D 48 10.27 -1.45 18.20
CA THR D 48 10.79 -2.72 17.66
C THR D 48 12.15 -2.97 18.26
N GLU D 49 12.70 -1.93 18.87
CA GLU D 49 14.01 -2.01 19.50
C GLU D 49 14.00 -2.75 20.81
N VAL D 50 15.04 -3.54 21.00
CA VAL D 50 15.20 -4.39 22.15
C VAL D 50 15.91 -3.76 23.37
N ASP D 51 16.77 -2.77 23.15
CA ASP D 51 17.46 -2.13 24.26
C ASP D 51 16.68 -0.95 24.87
N LYS D 52 17.22 -0.43 25.97
CA LYS D 52 16.62 0.68 26.72
C LYS D 52 16.35 1.90 25.87
N PHE D 53 17.40 2.42 25.23
CA PHE D 53 17.24 3.63 24.44
C PHE D 53 18.02 3.65 23.13
N SER D 54 17.75 4.70 22.33
CA SER D 54 18.40 4.94 21.06
C SER D 54 18.59 6.44 20.90
N LEU D 55 17.73 7.22 21.53
CA LEU D 55 17.85 8.66 21.43
C LEU D 55 17.89 9.34 22.78
N VAL D 56 18.93 10.10 23.04
CA VAL D 56 18.99 10.82 24.29
C VAL D 56 19.00 12.30 23.96
N LEU D 57 17.95 12.98 24.42
CA LEU D 57 17.79 14.41 24.22
C LEU D 57 18.57 15.17 25.29
N ARG D 58 19.13 16.31 24.91
CA ARG D 58 19.91 17.12 25.83
C ARG D 58 19.69 18.61 25.53
N GLU D 59 19.18 19.33 26.52
CA GLU D 59 18.88 20.74 26.37
C GLU D 59 20.16 21.56 26.35
N ALA D 60 20.41 22.22 25.23
CA ALA D 60 21.60 23.05 25.04
C ALA D 60 21.27 24.43 24.47
N ASP D 61 22.31 25.18 24.15
CA ASP D 61 22.16 26.52 23.59
C ASP D 61 22.24 26.47 22.07
N GLU D 62 22.58 25.30 21.56
CA GLU D 62 22.68 25.08 20.13
C GLU D 62 22.20 23.69 19.82
N PRO D 63 21.57 23.50 18.66
CA PRO D 63 21.10 22.17 18.29
C PRO D 63 22.30 21.46 17.68
N GLY D 64 22.10 20.25 17.18
CA GLY D 64 23.20 19.52 16.59
C GLY D 64 23.39 18.18 17.26
N MET D 65 24.37 17.41 16.82
CA MET D 65 24.63 16.11 17.40
C MET D 65 25.93 16.09 18.19
N ASP D 66 25.90 15.46 19.36
CA ASP D 66 27.09 15.34 20.18
C ASP D 66 27.92 14.14 19.76
N PHE D 67 27.27 12.97 19.75
CA PHE D 67 27.92 11.73 19.39
C PHE D 67 26.90 10.70 18.93
N MET D 68 27.39 9.66 18.28
CA MET D 68 26.55 8.59 17.78
C MET D 68 27.26 7.30 18.18
N GLY D 69 26.55 6.41 18.87
CA GLY D 69 27.16 5.17 19.31
C GLY D 69 26.63 3.92 18.66
N PHE D 70 27.56 3.03 18.29
CA PHE D 70 27.24 1.74 17.66
C PHE D 70 27.47 0.62 18.65
N LYS D 71 26.53 -0.32 18.72
CA LYS D 71 26.65 -1.43 19.63
C LYS D 71 27.40 -2.59 18.95
N VAL D 72 28.33 -3.20 19.68
CA VAL D 72 29.10 -4.31 19.14
C VAL D 72 28.66 -5.66 19.69
N VAL D 73 28.97 -6.71 18.95
CA VAL D 73 28.60 -8.09 19.30
C VAL D 73 28.87 -8.50 20.74
N ASP D 74 30.02 -8.11 21.28
CA ASP D 74 30.35 -8.45 22.66
C ASP D 74 31.49 -7.65 23.27
N GLU D 75 31.88 -8.03 24.47
CA GLU D 75 32.94 -7.40 25.22
C GLU D 75 34.31 -7.62 24.55
N ASP D 76 34.56 -8.87 24.15
CA ASP D 76 35.81 -9.24 23.47
C ASP D 76 36.02 -8.24 22.34
N ALA D 77 35.00 -8.10 21.48
CA ALA D 77 35.01 -7.18 20.34
C ALA D 77 35.36 -5.76 20.77
N LEU D 78 34.71 -5.28 21.82
CA LEU D 78 34.98 -3.95 22.32
C LEU D 78 36.47 -3.75 22.68
N ARG D 79 37.08 -4.78 23.25
CA ARG D 79 38.50 -4.72 23.62
C ARG D 79 39.37 -4.63 22.37
N GLN D 80 39.09 -5.51 21.42
CA GLN D 80 39.80 -5.58 20.15
C GLN D 80 39.71 -4.23 19.44
N LEU D 81 38.49 -3.74 19.24
CA LEU D 81 38.24 -2.46 18.58
C LEU D 81 38.97 -1.29 19.23
N GLU D 82 38.95 -1.18 20.55
CA GLU D 82 39.63 -0.07 21.19
C GLU D 82 41.14 -0.14 21.02
N ARG D 83 41.68 -1.36 21.01
CA ARG D 83 43.10 -1.54 20.82
C ARG D 83 43.47 -1.12 19.39
N ASP D 84 42.68 -1.59 18.43
CA ASP D 84 42.91 -1.28 17.02
C ASP D 84 42.91 0.22 16.75
N LEU D 85 41.97 0.92 17.36
CA LEU D 85 41.87 2.37 17.21
C LEU D 85 43.17 3.01 17.65
N MET D 86 43.66 2.63 18.82
CA MET D 86 44.92 3.17 19.33
C MET D 86 46.11 2.84 18.43
N ALA D 87 46.11 1.64 17.86
CA ALA D 87 47.17 1.21 16.94
C ALA D 87 47.11 2.05 15.65
N TYR D 88 45.89 2.41 15.26
CA TYR D 88 45.68 3.24 14.08
C TYR D 88 46.22 4.60 14.43
N GLY D 89 46.37 4.86 15.73
CA GLY D 89 46.89 6.14 16.18
C GLY D 89 45.76 7.05 16.61
N CYS D 90 44.54 6.55 16.57
CA CYS D 90 43.39 7.34 16.98
C CYS D 90 43.30 7.42 18.49
N ALA D 91 43.12 8.63 19.00
CA ALA D 91 42.99 8.89 20.43
C ALA D 91 41.57 8.55 20.89
N VAL D 92 41.47 7.52 21.72
CA VAL D 92 40.20 7.04 22.26
C VAL D 92 39.88 7.76 23.57
N GLU D 93 38.60 7.73 23.97
CA GLU D 93 38.14 8.36 25.20
C GLU D 93 37.31 7.28 25.89
N GLN D 94 37.54 7.06 27.18
CA GLN D 94 36.81 5.99 27.87
C GLN D 94 35.72 6.58 28.76
N LEU D 95 34.48 6.12 28.58
CA LEU D 95 33.34 6.57 29.36
C LEU D 95 32.89 5.39 30.22
N PRO D 96 33.07 5.46 31.55
CA PRO D 96 32.65 4.34 32.39
C PRO D 96 31.15 4.07 32.35
N ALA D 97 30.77 2.82 32.57
CA ALA D 97 29.37 2.42 32.57
C ALA D 97 28.60 3.24 33.60
N GLY D 98 27.42 3.73 33.21
CA GLY D 98 26.66 4.52 34.15
C GLY D 98 26.62 6.01 33.87
N GLU D 99 27.60 6.56 33.15
CA GLU D 99 27.57 8.00 32.85
C GLU D 99 26.33 8.26 31.98
N LEU D 100 25.95 7.25 31.20
CA LEU D 100 24.73 7.31 30.39
C LEU D 100 23.90 6.25 31.05
N ASN D 101 22.81 6.63 31.61
CA ASN D 101 21.94 5.75 32.40
C ASN D 101 21.60 4.49 31.61
N SER D 102 21.75 3.37 32.30
CA SER D 102 21.46 2.05 31.75
C SER D 102 22.32 1.65 30.55
N CYS D 103 23.45 2.33 30.38
CA CYS D 103 24.37 2.02 29.30
C CYS D 103 25.69 1.57 29.90
N GLY D 104 26.35 0.62 29.24
CA GLY D 104 27.63 0.14 29.73
C GLY D 104 28.74 1.12 29.43
N ARG D 105 29.98 0.64 29.51
CA ARG D 105 31.15 1.48 29.25
C ARG D 105 31.27 1.72 27.76
N ARG D 106 31.86 2.84 27.37
CA ARG D 106 31.97 3.17 25.97
C ARG D 106 33.34 3.67 25.58
N VAL D 107 33.67 3.48 24.30
CA VAL D 107 34.95 3.88 23.74
C VAL D 107 34.70 5.00 22.75
N ARG D 108 34.79 6.24 23.19
CA ARG D 108 34.54 7.38 22.31
C ARG D 108 35.78 7.76 21.51
N PHE D 109 35.58 8.24 20.29
CA PHE D 109 36.66 8.68 19.41
C PHE D 109 36.10 9.68 18.38
N GLN D 110 36.94 10.60 17.91
CA GLN D 110 36.51 11.59 16.92
C GLN D 110 37.04 11.30 15.52
N ALA D 111 36.15 11.04 14.57
CA ALA D 111 36.52 10.76 13.19
C ALA D 111 37.08 12.06 12.61
N PRO D 112 37.96 11.97 11.59
CA PRO D 112 38.57 13.14 10.94
C PRO D 112 37.61 14.27 10.57
N SER D 113 36.38 13.92 10.18
CA SER D 113 35.37 14.90 9.79
C SER D 113 34.76 15.75 10.94
N GLY D 114 35.28 15.60 12.15
CA GLY D 114 34.80 16.37 13.29
C GLY D 114 33.69 15.76 14.14
N HIS D 115 33.26 14.55 13.81
CA HIS D 115 32.18 13.91 14.55
C HIS D 115 32.69 12.89 15.56
N HIS D 116 32.00 12.79 16.69
CA HIS D 116 32.34 11.84 17.74
C HIS D 116 31.52 10.58 17.63
N PHE D 117 32.18 9.43 17.56
CA PHE D 117 31.48 8.16 17.48
C PHE D 117 31.96 7.35 18.67
N GLU D 118 31.15 6.37 19.08
CA GLU D 118 31.54 5.55 20.20
C GLU D 118 30.95 4.17 20.08
N LEU D 119 31.72 3.19 20.54
CA LEU D 119 31.29 1.81 20.52
C LEU D 119 30.93 1.45 21.95
N TYR D 120 30.04 0.47 22.09
CA TYR D 120 29.64 -0.01 23.40
C TYR D 120 29.19 -1.45 23.21
N ALA D 121 29.58 -2.31 24.15
CA ALA D 121 29.23 -3.71 24.06
C ALA D 121 27.86 -4.03 24.64
N ASP D 122 27.41 -3.25 25.63
CA ASP D 122 26.09 -3.54 26.18
C ASP D 122 25.29 -2.37 26.78
N LYS D 123 23.99 -2.59 26.88
CA LYS D 123 23.03 -1.62 27.40
C LYS D 123 21.88 -2.44 28.00
N GLU D 124 21.06 -1.79 28.82
CA GLU D 124 19.95 -2.49 29.45
C GLU D 124 18.91 -2.97 28.44
N TYR D 125 18.66 -4.27 28.49
CA TYR D 125 17.70 -4.94 27.61
C TYR D 125 16.34 -4.87 28.26
N THR D 126 15.37 -4.34 27.53
CA THR D 126 14.02 -4.22 28.02
C THR D 126 13.08 -4.97 27.08
N GLY D 127 13.62 -5.37 25.93
CA GLY D 127 12.79 -6.06 24.95
C GLY D 127 11.90 -5.07 24.21
N LYS D 128 11.18 -5.58 23.21
CA LYS D 128 10.29 -4.74 22.39
C LYS D 128 9.19 -4.06 23.21
N TRP D 129 8.88 -2.82 22.84
CA TRP D 129 7.88 -2.06 23.56
C TRP D 129 6.47 -2.57 23.39
N GLY D 130 5.74 -2.59 24.52
CA GLY D 130 4.35 -3.02 24.56
C GLY D 130 4.03 -4.35 23.92
N LEU D 131 5.00 -5.25 23.96
CA LEU D 131 4.84 -6.55 23.36
C LEU D 131 5.41 -7.67 24.22
N ASN D 132 4.60 -8.67 24.44
CA ASN D 132 5.01 -9.83 25.22
C ASN D 132 6.12 -10.55 24.49
N ASP D 133 6.87 -11.37 25.20
CA ASP D 133 7.98 -12.09 24.58
C ASP D 133 7.64 -13.50 24.12
N VAL D 134 6.48 -13.99 24.52
CA VAL D 134 6.03 -15.31 24.11
C VAL D 134 4.73 -15.12 23.35
N ASN D 135 4.68 -15.69 22.15
CA ASN D 135 3.54 -15.57 21.24
C ASN D 135 3.22 -14.09 21.04
N PRO D 136 4.22 -13.29 20.63
CA PRO D 136 4.12 -11.85 20.47
C PRO D 136 3.07 -11.45 19.46
N GLU D 137 2.45 -10.30 19.60
CA GLU D 137 1.52 -9.77 18.62
C GLU D 137 2.31 -9.12 17.50
N ALA D 138 1.64 -8.85 16.39
CA ALA D 138 2.27 -8.21 15.26
C ALA D 138 2.78 -6.78 15.58
N TRP D 139 2.10 -6.11 16.50
CA TRP D 139 2.45 -4.74 16.93
C TRP D 139 1.74 -4.34 18.23
N PRO D 140 2.26 -3.31 18.94
CA PRO D 140 1.71 -2.78 20.21
C PRO D 140 0.44 -1.98 19.94
N ARG D 141 -0.51 -2.08 20.86
CA ARG D 141 -1.80 -1.43 20.69
C ARG D 141 -1.96 0.08 20.90
N ASP D 142 -1.14 0.70 21.74
CA ASP D 142 -1.32 2.13 21.97
C ASP D 142 -0.16 3.05 21.56
N LEU D 143 0.15 3.07 20.26
CA LEU D 143 1.25 3.90 19.75
C LEU D 143 0.80 5.28 19.30
N LYS D 144 1.68 6.28 19.49
CA LYS D 144 1.38 7.65 19.14
C LYS D 144 2.02 8.12 17.83
N GLY D 145 1.41 9.13 17.23
CA GLY D 145 1.90 9.72 16.00
C GLY D 145 2.26 8.78 14.87
N MET D 146 3.47 8.96 14.35
CA MET D 146 4.01 8.17 13.24
C MET D 146 4.36 6.73 13.59
N ALA D 147 4.64 6.49 14.87
CA ALA D 147 5.01 5.15 15.37
C ALA D 147 6.24 4.61 14.66
N ALA D 148 7.33 5.36 14.74
CA ALA D 148 8.58 4.99 14.10
C ALA D 148 9.01 3.58 14.50
N VAL D 149 9.41 2.77 13.52
CA VAL D 149 9.84 1.42 13.83
C VAL D 149 11.17 1.39 14.58
N ARG D 150 12.16 2.14 14.11
CA ARG D 150 13.45 2.15 14.77
C ARG D 150 14.36 3.28 14.30
N PHE D 151 15.35 3.63 15.12
CA PHE D 151 16.34 4.64 14.76
C PHE D 151 17.20 3.93 13.71
N ASP D 152 17.15 4.42 12.49
CA ASP D 152 17.87 3.79 11.39
C ASP D 152 19.32 4.20 11.12
N HIS D 153 19.56 5.47 10.88
CA HIS D 153 20.92 5.92 10.60
C HIS D 153 20.98 7.41 10.75
N ALA D 154 22.01 8.01 10.14
CA ALA D 154 22.21 9.45 10.18
C ALA D 154 23.24 9.78 9.11
N LEU D 155 23.16 10.99 8.58
CA LEU D 155 24.07 11.44 7.54
C LEU D 155 24.87 12.61 8.08
N MET D 156 26.19 12.56 7.90
CA MET D 156 27.06 13.61 8.40
C MET D 156 27.77 14.48 7.36
N TYR D 157 27.78 15.78 7.60
CA TYR D 157 28.45 16.71 6.70
C TYR D 157 29.79 16.98 7.33
N GLY D 158 30.85 16.67 6.60
CA GLY D 158 32.16 16.86 7.17
C GLY D 158 33.27 16.99 6.19
N ASP D 159 34.38 17.44 6.75
CA ASP D 159 35.61 17.73 6.08
C ASP D 159 36.52 16.63 5.49
N GLU D 160 36.89 15.62 6.26
CA GLU D 160 37.82 14.63 5.73
C GLU D 160 37.36 13.24 5.44
N LEU D 161 36.49 13.13 4.45
CA LEU D 161 35.92 11.86 4.03
C LEU D 161 36.93 10.76 3.76
N PRO D 162 37.96 11.04 2.94
CA PRO D 162 38.97 10.04 2.61
C PRO D 162 39.54 9.26 3.81
N ALA D 163 40.06 9.98 4.81
CA ALA D 163 40.63 9.37 6.01
C ALA D 163 39.54 8.72 6.87
N THR D 164 38.34 9.30 6.85
CA THR D 164 37.20 8.78 7.59
C THR D 164 36.83 7.43 6.99
N TYR D 165 36.97 7.32 5.68
CA TYR D 165 36.67 6.10 4.94
C TYR D 165 37.55 4.96 5.45
N ASP D 166 38.85 5.20 5.58
CA ASP D 166 39.78 4.18 6.07
C ASP D 166 39.43 3.83 7.50
N LEU D 167 39.20 4.86 8.30
CA LEU D 167 38.85 4.69 9.70
C LEU D 167 37.68 3.72 9.81
N PHE D 168 36.59 4.01 9.10
CA PHE D 168 35.40 3.15 9.14
C PHE D 168 35.45 1.79 8.48
N THR D 169 36.10 1.69 7.34
CA THR D 169 36.18 0.39 6.68
C THR D 169 37.31 -0.46 7.24
N LYS D 170 38.48 0.15 7.45
CA LYS D 170 39.63 -0.58 7.95
C LYS D 170 39.66 -0.93 9.45
N VAL D 171 39.41 0.04 10.33
CA VAL D 171 39.44 -0.31 11.76
C VAL D 171 38.09 -0.72 12.35
N LEU D 172 37.02 -0.07 11.91
CA LEU D 172 35.69 -0.38 12.42
C LEU D 172 34.97 -1.53 11.71
N GLY D 173 35.43 -1.90 10.53
CA GLY D 173 34.83 -3.00 9.79
C GLY D 173 33.57 -2.76 8.96
N PHE D 174 33.29 -1.51 8.59
CA PHE D 174 32.13 -1.19 7.76
C PHE D 174 32.53 -1.49 6.33
N TYR D 175 31.61 -1.31 5.39
CA TYR D 175 31.91 -1.54 3.98
C TYR D 175 31.12 -0.57 3.11
N LEU D 176 31.81 0.02 2.13
CA LEU D 176 31.19 0.98 1.21
C LEU D 176 30.07 0.31 0.41
N ALA D 177 28.86 0.83 0.58
CA ALA D 177 27.66 0.29 -0.10
C ALA D 177 27.34 1.06 -1.37
N GLU D 178 27.41 2.38 -1.30
CA GLU D 178 27.14 3.25 -2.44
C GLU D 178 28.03 4.45 -2.31
N GLN D 179 28.20 5.16 -3.41
CA GLN D 179 29.05 6.34 -3.43
C GLN D 179 28.70 7.18 -4.64
N VAL D 180 29.13 8.44 -4.57
CA VAL D 180 28.95 9.38 -5.67
C VAL D 180 30.30 10.04 -5.83
N LEU D 181 30.83 9.92 -7.04
CA LEU D 181 32.12 10.46 -7.41
C LEU D 181 31.95 11.66 -8.32
N ASP D 182 32.91 12.58 -8.26
CA ASP D 182 32.87 13.74 -9.13
C ASP D 182 33.77 13.46 -10.33
N GLU D 183 33.70 14.32 -11.32
CA GLU D 183 34.48 14.23 -12.57
C GLU D 183 35.87 13.59 -12.53
N ASN D 184 36.67 13.98 -11.54
CA ASN D 184 38.02 13.45 -11.45
C ASN D 184 38.06 12.08 -10.79
N GLY D 185 36.89 11.48 -10.63
CA GLY D 185 36.78 10.18 -9.98
C GLY D 185 36.99 10.31 -8.49
N THR D 186 36.79 11.50 -7.96
CA THR D 186 36.95 11.76 -6.54
C THR D 186 35.66 11.55 -5.75
N ARG D 187 35.71 10.61 -4.82
CA ARG D 187 34.54 10.29 -3.98
C ARG D 187 34.14 11.50 -3.13
N VAL D 188 32.96 12.01 -3.42
CA VAL D 188 32.47 13.17 -2.72
C VAL D 188 31.43 12.80 -1.65
N ALA D 189 31.01 11.55 -1.65
CA ALA D 189 30.05 11.08 -0.66
C ALA D 189 30.13 9.56 -0.58
N GLN D 190 30.08 9.07 0.65
CA GLN D 190 30.23 7.64 0.89
C GLN D 190 29.12 7.15 1.83
N PHE D 191 28.46 6.06 1.45
CA PHE D 191 27.39 5.45 2.23
C PHE D 191 27.89 4.09 2.71
N LEU D 192 28.26 4.04 3.98
CA LEU D 192 28.82 2.84 4.60
C LEU D 192 27.83 1.94 5.31
N SER D 193 27.91 0.64 5.01
CA SER D 193 27.02 -0.36 5.58
C SER D 193 27.76 -1.28 6.56
N LEU D 194 26.99 -1.90 7.45
CA LEU D 194 27.50 -2.83 8.44
C LEU D 194 27.16 -4.28 8.04
N SER D 195 25.96 -4.49 7.51
CA SER D 195 25.49 -5.82 7.10
C SER D 195 24.61 -5.83 5.82
N THR D 196 23.31 -5.59 5.96
CA THR D 196 22.42 -5.61 4.79
C THR D 196 21.83 -4.26 4.38
N LYS D 197 21.79 -3.32 5.31
CA LYS D 197 21.24 -2.00 5.06
C LYS D 197 22.07 -1.21 4.05
N ALA D 198 21.40 -0.38 3.25
CA ALA D 198 22.05 0.45 2.24
C ALA D 198 23.13 1.28 2.92
N HIS D 199 22.88 1.60 4.18
CA HIS D 199 23.82 2.38 4.97
C HIS D 199 23.42 2.49 6.42
N ASP D 200 24.43 2.41 7.30
CA ASP D 200 24.26 2.50 8.75
C ASP D 200 24.79 3.86 9.22
N VAL D 201 25.52 4.52 8.34
CA VAL D 201 26.09 5.84 8.56
C VAL D 201 26.52 6.31 7.18
N ALA D 202 26.58 7.63 6.98
CA ALA D 202 26.97 8.18 5.70
C ALA D 202 27.59 9.54 5.88
N PHE D 203 28.56 9.86 5.02
CA PHE D 203 29.24 11.13 5.10
C PHE D 203 29.21 11.81 3.75
N ILE D 204 29.00 13.12 3.76
CA ILE D 204 29.00 13.89 2.53
C ILE D 204 29.95 15.04 2.77
N HIS D 205 30.82 15.30 1.80
CA HIS D 205 31.80 16.34 1.96
C HIS D 205 31.29 17.75 2.21
N HIS D 206 31.85 18.34 3.23
CA HIS D 206 31.49 19.69 3.63
C HIS D 206 32.73 20.40 4.19
N PRO D 207 32.98 21.65 3.75
CA PRO D 207 34.10 22.45 4.25
C PRO D 207 34.21 22.61 5.75
N GLU D 208 33.13 22.75 6.45
CA GLU D 208 33.22 22.87 7.92
C GLU D 208 32.87 21.51 8.55
N LYS D 209 33.69 21.12 9.52
CA LYS D 209 33.54 19.85 10.20
C LYS D 209 32.31 19.82 11.11
N GLY D 210 32.08 18.67 11.74
CA GLY D 210 31.00 18.50 12.71
C GLY D 210 29.52 18.51 12.35
N ARG D 211 29.16 19.14 11.24
CA ARG D 211 27.77 19.24 10.79
C ARG D 211 26.94 17.97 10.80
N LEU D 212 25.65 18.13 11.05
CA LEU D 212 24.70 17.02 11.08
C LEU D 212 23.60 17.34 10.10
N HIS D 213 23.48 16.53 9.06
CA HIS D 213 22.44 16.76 8.08
C HIS D 213 21.11 16.28 8.67
N HIS D 214 21.02 15.02 9.06
CA HIS D 214 19.79 14.50 9.63
C HIS D 214 19.97 13.15 10.32
N VAL D 215 19.00 12.83 11.19
CA VAL D 215 18.93 11.57 11.94
C VAL D 215 17.69 10.89 11.34
N SER D 216 17.81 9.64 10.94
CA SER D 216 16.69 8.93 10.31
C SER D 216 16.02 7.86 11.13
N PHE D 217 14.70 7.78 11.01
CA PHE D 217 13.89 6.79 11.70
C PHE D 217 13.20 5.97 10.63
N HIS D 218 13.24 4.66 10.80
CA HIS D 218 12.64 3.79 9.81
C HIS D 218 11.14 3.61 9.99
N LEU D 219 10.43 3.70 8.88
CA LEU D 219 8.98 3.51 8.85
C LEU D 219 8.83 2.25 8.03
N GLU D 220 7.65 1.66 8.01
CA GLU D 220 7.52 0.41 7.29
C GLU D 220 7.11 0.42 5.81
N THR D 221 5.99 1.08 5.52
CA THR D 221 5.46 1.13 4.16
C THR D 221 5.34 2.54 3.57
N TRP D 222 5.08 2.58 2.27
CA TRP D 222 4.90 3.83 1.52
C TRP D 222 3.68 4.57 2.06
N GLU D 223 2.64 3.83 2.43
CA GLU D 223 1.42 4.41 2.98
C GLU D 223 1.69 4.95 4.36
N ASP D 224 2.68 4.40 5.04
CA ASP D 224 3.04 4.89 6.36
C ASP D 224 3.65 6.24 6.19
N LEU D 225 4.31 6.46 5.05
CA LEU D 225 4.94 7.73 4.73
C LEU D 225 3.86 8.76 4.45
N LEU D 226 2.78 8.32 3.81
CA LEU D 226 1.68 9.22 3.49
C LEU D 226 1.01 9.70 4.77
N ARG D 227 1.00 8.85 5.79
CA ARG D 227 0.39 9.20 7.05
C ARG D 227 1.24 10.21 7.81
N ALA D 228 2.55 9.97 7.82
CA ALA D 228 3.48 10.85 8.49
C ALA D 228 3.35 12.26 7.91
N ALA D 229 3.27 12.33 6.58
CA ALA D 229 3.14 13.61 5.90
C ALA D 229 1.85 14.32 6.37
N ASP D 230 0.75 13.57 6.46
CA ASP D 230 -0.51 14.14 6.94
C ASP D 230 -0.30 14.73 8.32
N LEU D 231 0.40 13.98 9.17
CA LEU D 231 0.70 14.40 10.54
C LEU D 231 1.59 15.63 10.57
N ILE D 232 2.62 15.67 9.73
CA ILE D 232 3.49 16.84 9.70
C ILE D 232 2.62 18.05 9.39
N SER D 233 1.72 17.90 8.44
CA SER D 233 0.82 18.99 8.08
C SER D 233 -0.11 19.29 9.24
N MET D 234 -0.72 18.23 9.79
CA MET D 234 -1.68 18.31 10.88
C MET D 234 -1.17 19.02 12.11
N THR D 235 0.03 18.65 12.55
CA THR D 235 0.65 19.24 13.73
C THR D 235 1.48 20.46 13.37
N ASP D 236 1.33 20.93 12.15
CA ASP D 236 2.04 22.08 11.65
C ASP D 236 3.54 22.08 11.89
N THR D 237 4.17 20.98 11.50
CA THR D 237 5.60 20.79 11.64
C THR D 237 6.23 21.29 10.36
N SER D 238 7.50 21.66 10.43
CA SER D 238 8.24 22.14 9.27
C SER D 238 8.72 20.98 8.41
N ILE D 239 8.29 20.99 7.16
CA ILE D 239 8.63 19.96 6.18
C ILE D 239 9.66 20.45 5.16
N ASP D 240 10.71 19.65 4.97
CA ASP D 240 11.80 19.96 4.05
C ASP D 240 11.55 19.31 2.68
N ILE D 241 11.13 18.05 2.68
CA ILE D 241 10.88 17.33 1.43
C ILE D 241 9.72 16.36 1.69
N GLY D 242 8.69 16.43 0.85
CA GLY D 242 7.51 15.58 0.98
C GLY D 242 7.74 14.16 0.51
N PRO D 243 6.72 13.29 0.54
CA PRO D 243 6.86 11.89 0.10
C PRO D 243 7.53 11.76 -1.26
N THR D 244 8.81 11.40 -1.26
CA THR D 244 9.54 11.23 -2.50
C THR D 244 10.43 9.98 -2.40
N ARG D 245 11.44 9.90 -3.27
CA ARG D 245 12.33 8.77 -3.29
C ARG D 245 13.71 9.22 -3.70
N HIS D 246 14.74 8.70 -3.05
CA HIS D 246 16.12 9.06 -3.39
C HIS D 246 16.58 8.18 -4.53
N GLY D 247 17.58 8.66 -5.28
CA GLY D 247 18.15 7.85 -6.33
C GLY D 247 19.12 6.94 -5.59
N LEU D 248 19.90 7.56 -4.70
CA LEU D 248 20.85 6.84 -3.84
C LEU D 248 20.00 6.05 -2.89
N THR D 249 20.31 4.76 -2.74
CA THR D 249 19.59 3.84 -1.86
C THR D 249 18.13 3.59 -2.25
N HIS D 250 17.64 4.30 -3.25
CA HIS D 250 16.26 4.18 -3.74
C HIS D 250 15.16 4.14 -2.69
N GLY D 251 15.46 4.57 -1.47
CA GLY D 251 14.48 4.58 -0.40
C GLY D 251 13.52 5.75 -0.51
N LYS D 252 12.31 5.55 0.00
CA LYS D 252 11.25 6.57 -0.03
C LYS D 252 11.44 7.45 1.20
N THR D 253 11.43 8.76 1.00
CA THR D 253 11.75 9.65 2.11
C THR D 253 10.93 10.92 2.29
N ILE D 254 10.94 11.41 3.53
CA ILE D 254 10.30 12.67 3.90
C ILE D 254 11.23 13.32 4.91
N TYR D 255 11.59 14.57 4.66
CA TYR D 255 12.48 15.34 5.53
C TYR D 255 11.67 16.43 6.25
N PHE D 256 11.92 16.58 7.55
CA PHE D 256 11.25 17.58 8.37
C PHE D 256 12.13 17.98 9.53
N PHE D 257 11.74 19.02 10.27
CA PHE D 257 12.56 19.49 11.38
C PHE D 257 11.88 19.38 12.75
N ASP D 258 12.68 19.37 13.80
CA ASP D 258 12.15 19.32 15.16
C ASP D 258 12.07 20.79 15.64
N PRO D 259 11.48 21.04 16.81
CA PRO D 259 11.38 22.41 17.32
C PRO D 259 12.73 23.16 17.43
N SER D 260 13.83 22.41 17.52
CA SER D 260 15.17 23.00 17.62
C SER D 260 15.85 23.19 16.26
N GLY D 261 15.23 22.72 15.18
CA GLY D 261 15.83 22.85 13.85
C GLY D 261 16.62 21.65 13.32
N ASN D 262 16.78 20.61 14.16
CA ASN D 262 17.43 19.41 13.62
C ASN D 262 16.52 18.77 12.59
N ARG D 263 17.09 18.18 11.59
CA ARG D 263 16.27 17.59 10.56
C ARG D 263 16.17 16.12 10.84
N ASN D 264 14.94 15.62 10.86
CA ASN D 264 14.71 14.21 11.07
C ASN D 264 14.30 13.67 9.72
N GLU D 265 14.65 12.43 9.41
CA GLU D 265 14.15 11.87 8.16
C GLU D 265 13.40 10.61 8.51
N VAL D 266 12.25 10.48 7.88
CA VAL D 266 11.42 9.33 8.08
C VAL D 266 11.41 8.65 6.72
N PHE D 267 11.68 7.35 6.68
CA PHE D 267 11.73 6.68 5.39
C PHE D 267 11.50 5.18 5.44
N CYS D 268 11.33 4.58 4.26
CA CYS D 268 11.12 3.15 4.18
C CYS D 268 11.61 2.58 2.87
N GLY D 269 11.63 1.25 2.83
CA GLY D 269 12.05 0.49 1.67
C GLY D 269 13.15 0.95 0.74
N GLY D 270 14.39 0.80 1.18
CA GLY D 270 15.50 1.18 0.31
C GLY D 270 15.98 -0.05 -0.44
N ASP D 271 17.29 -0.14 -0.61
CA ASP D 271 17.85 -1.29 -1.28
C ASP D 271 18.71 -1.98 -0.24
N TYR D 272 18.89 -3.21 -0.36
CA TYR D 272 19.75 -4.01 0.51
C TYR D 272 21.00 -4.43 -0.25
N ASN D 273 22.05 -4.72 0.49
CA ASN D 273 23.28 -5.24 -0.14
C ASN D 273 24.02 -6.16 0.82
N TYR D 274 25.13 -6.68 0.34
CA TYR D 274 25.96 -7.62 1.09
C TYR D 274 27.43 -7.25 0.90
N PRO D 275 28.28 -7.65 1.83
CA PRO D 275 29.73 -7.37 1.78
C PRO D 275 30.39 -7.58 0.41
N ASP D 276 29.92 -8.59 -0.31
CA ASP D 276 30.46 -8.95 -1.62
C ASP D 276 29.88 -8.21 -2.81
N HIS D 277 28.91 -7.33 -2.55
CA HIS D 277 28.28 -6.53 -3.61
C HIS D 277 29.17 -5.37 -3.97
N LYS D 278 29.25 -5.06 -5.26
CA LYS D 278 30.05 -3.93 -5.70
C LYS D 278 29.23 -2.67 -5.47
N PRO D 279 29.90 -1.59 -5.01
CA PRO D 279 29.26 -0.30 -4.73
C PRO D 279 28.51 0.28 -5.91
N VAL D 280 27.30 0.80 -5.66
CA VAL D 280 26.57 1.43 -6.74
C VAL D 280 27.19 2.84 -6.83
N THR D 281 27.33 3.33 -8.05
CA THR D 281 27.94 4.64 -8.24
C THR D 281 27.01 5.66 -8.89
N TRP D 282 27.02 6.86 -8.32
CA TRP D 282 26.25 7.98 -8.85
C TRP D 282 27.31 9.00 -9.18
N THR D 283 27.05 9.84 -10.17
CA THR D 283 28.02 10.87 -10.54
C THR D 283 27.51 12.26 -10.20
N THR D 284 28.44 13.19 -10.13
CA THR D 284 28.10 14.56 -9.78
C THR D 284 27.18 15.21 -10.81
N ASP D 285 27.32 14.82 -12.08
CA ASP D 285 26.49 15.39 -13.14
C ASP D 285 25.02 14.91 -13.07
N GLN D 286 24.78 13.90 -12.24
CA GLN D 286 23.47 13.33 -11.99
C GLN D 286 23.14 13.55 -10.52
N LEU D 287 23.89 14.44 -9.86
CA LEU D 287 23.72 14.71 -8.44
C LEU D 287 22.30 15.10 -8.06
N GLY D 288 21.61 15.79 -8.96
CA GLY D 288 20.24 16.19 -8.68
C GLY D 288 19.34 14.97 -8.53
N LYS D 289 19.49 14.03 -9.44
CA LYS D 289 18.71 12.81 -9.45
C LYS D 289 19.22 11.78 -8.43
N ALA D 290 20.50 11.90 -8.10
CA ALA D 290 21.10 11.01 -7.11
C ALA D 290 20.34 11.23 -5.81
N ILE D 291 20.13 12.49 -5.46
CA ILE D 291 19.42 12.85 -4.23
C ILE D 291 17.91 12.80 -4.37
N PHE D 292 17.35 13.34 -5.46
CA PHE D 292 15.90 13.35 -5.65
C PHE D 292 15.50 12.68 -6.96
N TYR D 293 15.29 11.37 -6.86
CA TYR D 293 14.94 10.54 -7.99
C TYR D 293 13.81 11.09 -8.87
N HIS D 294 12.75 11.57 -8.24
CA HIS D 294 11.59 12.07 -8.94
C HIS D 294 11.72 13.40 -9.68
N ASP D 295 12.22 14.42 -8.99
CA ASP D 295 12.38 15.77 -9.53
C ASP D 295 13.66 15.95 -10.34
N ARG D 296 14.69 15.22 -9.92
CA ARG D 296 16.00 15.25 -10.54
C ARG D 296 16.73 16.58 -10.39
N ILE D 297 16.25 17.41 -9.46
CA ILE D 297 16.89 18.70 -9.16
C ILE D 297 17.14 18.84 -7.66
N LEU D 298 18.19 19.58 -7.32
CA LEU D 298 18.57 19.82 -5.94
C LEU D 298 17.69 20.85 -5.23
N ASN D 299 17.62 20.71 -3.91
CA ASN D 299 16.83 21.60 -3.06
C ASN D 299 17.78 22.50 -2.27
N GLU D 300 17.44 23.78 -2.17
CA GLU D 300 18.23 24.77 -1.44
C GLU D 300 18.53 24.30 -0.01
N ARG D 301 17.47 24.15 0.79
CA ARG D 301 17.62 23.69 2.17
C ARG D 301 18.43 22.40 2.22
N PHE D 302 17.97 21.37 1.51
CA PHE D 302 18.68 20.09 1.54
C PHE D 302 20.22 20.11 1.50
N MET D 303 20.91 20.89 0.63
CA MET D 303 22.40 20.86 0.74
C MET D 303 22.92 21.93 1.68
N THR D 304 22.15 22.99 1.95
CA THR D 304 22.66 24.10 2.79
C THR D 304 22.27 24.22 4.26
N VAL D 305 21.20 23.57 4.69
CA VAL D 305 20.74 23.68 6.08
C VAL D 305 21.12 22.51 6.99
N LEU D 306 22.19 22.68 7.78
CA LEU D 306 22.69 21.66 8.73
C LEU D 306 22.66 22.17 10.18
N THR D 307 23.00 21.27 11.10
CA THR D 307 23.09 21.61 12.53
C THR D 307 24.39 21.02 13.14
FE FE2 E . -20.11 -7.58 0.38
C ACN F . -19.89 -10.04 -2.73
O ACN F . -20.13 -9.33 -1.68
C1 ACN F . -19.30 -9.50 -4.02
C2 ACN F . -20.01 -11.54 -2.76
FE FE2 G . 8.64 -19.19 4.82
C ACN H . 7.37 -19.23 8.29
O ACN H . 7.78 -19.23 7.10
C1 ACN H . 7.54 -17.99 9.11
C2 ACN H . 6.74 -20.39 9.02
FE FE2 I . -7.24 17.70 -10.20
C ACN J . -7.37 19.88 -7.25
O ACN J . -7.34 19.16 -8.27
C1 ACN J . -7.79 19.43 -5.88
C2 ACN J . -6.85 21.25 -7.31
FE FE2 K . 19.32 9.56 5.28
C ACN L . 20.46 10.20 1.32
O ACN L . 20.18 9.89 2.57
C1 ACN L . 20.31 9.21 0.18
C2 ACN L . 20.99 11.54 0.80
#